data_8ZOY
#
_entry.id   8ZOY
#
_cell.length_a   1.00
_cell.length_b   1.00
_cell.length_c   1.00
_cell.angle_alpha   90.00
_cell.angle_beta   90.00
_cell.angle_gamma   90.00
#
_symmetry.space_group_name_H-M   'P 1'
#
loop_
_entity.id
_entity.type
_entity.pdbx_description
1 polymer 'Sodium-dependent noradrenaline transporter'
2 polymer Nb_BF9
3 non-polymer L-NOREPINEPHRINE
4 non-polymer 'CHLORIDE ION'
5 non-polymer PHOSPHATIDYLETHANOLAMINE
6 water water
#
loop_
_entity_poly.entity_id
_entity_poly.type
_entity_poly.pdbx_seq_one_letter_code
_entity_poly.pdbx_strand_id
1 'polypeptide(L)'
;APRDGDAQPRETWGKKIDFLLSVVGFAVDLANVWRFPYLCYKNGGGAFLIPYTLFLIIAGMPLFYMELALGQYNREGAAT
VWKICPFFKGVGYAVILIALYVGFYYNVIIAWSLYYLFSSFTLNLPWTDCGHTWNSPNCTDPKLLNGSVLGNHTKYSKYK
FTPAAEFYERGVLHLHESSGIHDIGLPQWQLLLCLMVVVIVLYFSLWKGVKTSGKVVWITATLPYFVLFVLLVHGVTLPG
ASNGINAYLHIDFYRLKEATVWIDAATQIFFSLGAGFGVLIAFASYNKFDNNCYRDALLTSSINCITSFVSGFAIFSILG
YMAHEHKVNIEDVATEGAGLVFILYPEAISTLSGSTFWAVVFFVMLLALGLDSSMGGMEAVITGLADDFQVLKRHRKLFT
FGVTFSTFLLALFCITKGGIYVLTLLDTFAAGTSILFAVLMEAIGVSWFYGVDRFSNDIQQMMGFRPGLYWRLCWKFVSP
AFLLFVVVVSIINFKPLTYDDYIFPPWANWVGWGIALSSMVLVPIYVIYKFLSTQGSLWERLAYGITPENEHHLVAQRDI
RQFQLQHWLAI
;
A
2 'polypeptide(L)'
;EVQLVESGGGLVQAGGSLRLSCAASGFPVTNFEMYWYRQAPGKEREWVAAIYSTGITEYADSVKGRFTISRDNSKNTVYL
QMNSLKPEDTAVYYCNVKDNGAWRQNYDYWGQGTQVTVSS
;
B
#
# COMPACT_ATOMS: atom_id res chain seq x y z
N GLY A 14 -0.66 29.12 -1.86
CA GLY A 14 -1.50 28.03 -2.44
C GLY A 14 -0.71 26.75 -2.67
N LYS A 15 0.48 26.89 -3.24
CA LYS A 15 1.34 25.74 -3.46
C LYS A 15 1.75 25.10 -2.13
N LYS A 16 2.07 25.93 -1.13
CA LYS A 16 2.43 25.40 0.18
C LYS A 16 1.27 24.62 0.79
N ILE A 17 0.06 25.16 0.66
CA ILE A 17 -1.11 24.45 1.17
C ILE A 17 -1.26 23.11 0.46
N ASP A 18 -1.03 23.08 -0.85
CA ASP A 18 -1.15 21.83 -1.59
C ASP A 18 -0.14 20.81 -1.11
N PHE A 19 1.11 21.23 -0.88
CA PHE A 19 2.12 20.30 -0.38
C PHE A 19 1.74 19.77 1.00
N LEU A 20 1.28 20.66 1.88
CA LEU A 20 0.88 20.24 3.23
C LEU A 20 -0.26 19.25 3.16
N LEU A 21 -1.27 19.54 2.32
CA LEU A 21 -2.40 18.64 2.18
C LEU A 21 -1.96 17.30 1.64
N SER A 22 -1.08 17.28 0.63
CA SER A 22 -0.62 16.01 0.08
C SER A 22 0.09 15.19 1.14
N VAL A 23 1.03 15.79 1.86
CA VAL A 23 1.82 15.01 2.82
C VAL A 23 0.96 14.50 3.97
N VAL A 24 0.09 15.35 4.54
CA VAL A 24 -0.73 14.91 5.65
C VAL A 24 -1.83 13.93 5.21
N GLY A 25 -2.35 14.07 3.99
CA GLY A 25 -3.30 13.10 3.49
C GLY A 25 -2.66 11.74 3.23
N PHE A 26 -1.45 11.74 2.70
CA PHE A 26 -0.73 10.49 2.54
C PHE A 26 -0.46 9.84 3.89
N ALA A 27 -0.11 10.64 4.89
CA ALA A 27 0.21 10.08 6.20
C ALA A 27 -0.98 9.38 6.83
N VAL A 28 -2.19 9.90 6.64
CA VAL A 28 -3.38 9.43 7.36
C VAL A 28 -4.06 8.34 6.54
N ASP A 29 -4.39 7.24 7.20
CA ASP A 29 -5.03 6.10 6.57
C ASP A 29 -6.28 5.74 7.38
N LEU A 30 -7.22 5.08 6.71
CA LEU A 30 -8.36 4.54 7.45
C LEU A 30 -7.92 3.58 8.53
N ALA A 31 -6.77 2.92 8.36
CA ALA A 31 -6.21 2.10 9.41
C ALA A 31 -5.91 2.90 10.66
N ASN A 32 -5.28 4.06 10.54
CA ASN A 32 -4.96 4.89 11.69
C ASN A 32 -6.17 5.24 12.53
N VAL A 33 -7.36 5.37 11.93
CA VAL A 33 -8.54 5.83 12.63
C VAL A 33 -9.48 4.70 13.00
N TRP A 34 -9.43 3.56 12.31
CA TRP A 34 -10.33 2.44 12.57
C TRP A 34 -9.61 1.27 13.21
N ARG A 35 -8.45 0.87 12.69
CA ARG A 35 -7.79 -0.35 13.13
C ARG A 35 -6.90 -0.10 14.36
N PHE A 36 -6.17 1.02 14.36
CA PHE A 36 -5.29 1.31 15.49
C PHE A 36 -6.05 1.40 16.80
N PRO A 37 -7.23 2.02 16.88
CA PRO A 37 -7.94 2.06 18.16
C PRO A 37 -8.18 0.70 18.80
N TYR A 38 -8.56 -0.33 18.05
CA TYR A 38 -8.93 -1.57 18.74
C TYR A 38 -7.74 -2.49 18.99
N LEU A 39 -6.66 -2.36 18.21
CA LEU A 39 -5.41 -3.00 18.58
C LEU A 39 -4.79 -2.31 19.79
N CYS A 40 -4.98 -1.00 19.90
CA CYS A 40 -4.50 -0.26 21.05
C CYS A 40 -5.29 -0.61 22.31
N TYR A 41 -6.62 -0.67 22.19
CA TYR A 41 -7.47 -1.05 23.30
C TYR A 41 -7.25 -2.52 23.69
N LYS A 42 -7.13 -3.39 22.69
CA LYS A 42 -6.92 -4.81 22.92
C LYS A 42 -5.61 -5.08 23.67
N ASN A 43 -4.62 -4.21 23.55
CA ASN A 43 -3.30 -4.43 24.11
C ASN A 43 -2.97 -3.43 25.22
N GLY A 44 -4.00 -2.80 25.80
CA GLY A 44 -3.82 -1.96 26.97
C GLY A 44 -3.48 -0.50 26.71
N GLY A 45 -3.20 -0.13 25.46
CA GLY A 45 -2.90 1.26 25.15
C GLY A 45 -1.42 1.59 25.13
N GLY A 46 -0.93 2.14 26.24
CA GLY A 46 0.47 2.54 26.30
C GLY A 46 1.41 1.38 26.03
N ALA A 47 1.07 0.20 26.54
CA ALA A 47 1.89 -0.98 26.25
C ALA A 47 1.92 -1.27 24.76
N PHE A 48 0.87 -0.92 24.03
CA PHE A 48 0.87 -1.07 22.58
C PHE A 48 1.71 0.01 21.91
N LEU A 49 1.82 1.18 22.51
CA LEU A 49 2.53 2.28 21.89
C LEU A 49 4.05 2.11 21.89
N ILE A 50 4.59 1.27 22.76
CA ILE A 50 6.04 1.06 22.82
C ILE A 50 6.49 0.19 21.65
N PRO A 51 5.98 -1.04 21.51
CA PRO A 51 6.32 -1.82 20.33
C PRO A 51 5.95 -1.14 19.03
N TYR A 52 4.85 -0.39 19.02
CA TYR A 52 4.44 0.31 17.81
C TYR A 52 5.45 1.38 17.40
N THR A 53 5.86 2.23 18.34
CA THR A 53 6.86 3.25 18.03
C THR A 53 8.19 2.62 17.65
N LEU A 54 8.60 1.60 18.41
CA LEU A 54 9.87 0.94 18.12
C LEU A 54 9.86 0.35 16.71
N PHE A 55 8.79 -0.36 16.35
N PHE A 55 8.80 -0.37 16.36
CA PHE A 55 8.73 -0.94 15.02
CA PHE A 55 8.69 -0.94 15.02
C PHE A 55 8.65 0.14 13.95
C PHE A 55 8.64 0.13 13.96
N LEU A 56 7.91 1.22 14.19
CA LEU A 56 7.92 2.30 13.22
C LEU A 56 9.35 2.73 12.95
N ILE A 57 10.09 3.04 14.00
CA ILE A 57 11.44 3.57 13.84
C ILE A 57 12.34 2.57 13.12
N ILE A 58 12.31 1.30 13.54
CA ILE A 58 13.35 0.38 13.08
C ILE A 58 12.98 -0.43 11.85
N ALA A 59 11.70 -0.54 11.48
CA ALA A 59 11.33 -1.26 10.28
C ALA A 59 10.31 -0.54 9.41
N GLY A 60 9.45 0.33 9.94
CA GLY A 60 8.36 0.83 9.15
C GLY A 60 8.76 2.03 8.33
N MET A 61 9.36 3.03 8.98
CA MET A 61 9.94 4.15 8.25
C MET A 61 11.03 3.68 7.29
N PRO A 62 11.98 2.84 7.70
CA PRO A 62 12.96 2.31 6.73
C PRO A 62 12.33 1.58 5.56
N LEU A 63 11.38 0.69 5.80
CA LEU A 63 10.79 -0.07 4.71
C LEU A 63 9.78 0.74 3.91
N PHE A 64 9.12 1.71 4.54
CA PHE A 64 8.34 2.69 3.79
C PHE A 64 9.22 3.44 2.79
N TYR A 65 10.37 3.91 3.26
CA TYR A 65 11.36 4.57 2.40
C TYR A 65 11.83 3.63 1.30
N MET A 66 12.10 2.37 1.65
CA MET A 66 12.58 1.40 0.67
C MET A 66 11.56 1.15 -0.42
N GLU A 67 10.29 0.98 -0.05
CA GLU A 67 9.24 0.76 -1.05
C GLU A 67 9.04 1.97 -1.94
N LEU A 68 9.05 3.17 -1.33
CA LEU A 68 8.93 4.38 -2.12
C LEU A 68 10.07 4.51 -3.13
N ALA A 69 11.30 4.26 -2.69
CA ALA A 69 12.44 4.36 -3.60
C ALA A 69 12.40 3.28 -4.67
N LEU A 70 11.99 2.06 -4.30
CA LEU A 70 11.89 0.98 -5.28
C LEU A 70 10.92 1.35 -6.40
N GLY A 71 9.71 1.75 -6.03
CA GLY A 71 8.76 2.14 -7.05
C GLY A 71 9.20 3.34 -7.85
N GLN A 72 9.74 4.35 -7.19
CA GLN A 72 10.11 5.59 -7.86
C GLN A 72 11.31 5.42 -8.77
N TYR A 73 12.22 4.51 -8.46
CA TYR A 73 13.38 4.29 -9.32
C TYR A 73 13.08 3.34 -10.46
N ASN A 74 12.34 2.27 -10.22
CA ASN A 74 12.16 1.27 -11.26
C ASN A 74 10.97 1.56 -12.16
N ARG A 75 10.09 2.48 -11.78
CA ARG A 75 8.92 2.84 -12.58
C ARG A 75 8.06 1.60 -12.84
N GLU A 76 7.90 0.79 -11.79
CA GLU A 76 7.21 -0.49 -11.87
C GLU A 76 6.29 -0.63 -10.67
N GLY A 77 5.32 -1.52 -10.78
CA GLY A 77 4.49 -1.89 -9.66
C GLY A 77 5.16 -2.96 -8.81
N ALA A 78 4.37 -3.56 -7.92
CA ALA A 78 4.91 -4.47 -6.92
C ALA A 78 5.55 -5.72 -7.55
N ALA A 79 4.92 -6.27 -8.58
CA ALA A 79 5.44 -7.50 -9.18
C ALA A 79 6.61 -7.24 -10.12
N THR A 80 6.46 -6.29 -11.05
CA THR A 80 7.47 -6.04 -12.06
C THR A 80 8.68 -5.30 -11.52
N VAL A 81 8.59 -4.70 -10.34
CA VAL A 81 9.77 -4.09 -9.72
C VAL A 81 10.86 -5.11 -9.45
N TRP A 82 10.53 -6.39 -9.44
CA TRP A 82 11.48 -7.47 -9.16
C TRP A 82 12.23 -7.90 -10.39
N LYS A 83 12.27 -7.07 -11.42
CA LYS A 83 13.25 -7.19 -12.49
C LYS A 83 14.66 -6.99 -11.99
N ILE A 84 14.83 -6.33 -10.84
CA ILE A 84 16.15 -6.16 -10.25
C ILE A 84 16.64 -7.44 -9.60
N CYS A 85 15.73 -8.28 -9.12
CA CYS A 85 16.07 -9.61 -8.63
C CYS A 85 14.92 -10.53 -9.04
N PRO A 86 15.03 -11.16 -10.21
CA PRO A 86 13.89 -11.93 -10.74
C PRO A 86 13.35 -13.02 -9.83
N PHE A 87 14.20 -13.66 -9.02
CA PHE A 87 13.72 -14.72 -8.13
C PHE A 87 12.68 -14.22 -7.13
N PHE A 88 12.65 -12.92 -6.85
CA PHE A 88 11.82 -12.37 -5.79
C PHE A 88 10.49 -11.83 -6.29
N LYS A 89 10.12 -12.12 -7.53
CA LYS A 89 8.84 -11.64 -8.06
C LYS A 89 7.65 -12.29 -7.38
N GLY A 90 7.83 -13.48 -6.80
CA GLY A 90 6.78 -14.05 -5.98
C GLY A 90 6.42 -13.16 -4.80
N VAL A 91 7.38 -12.36 -4.34
CA VAL A 91 7.10 -11.37 -3.30
C VAL A 91 6.11 -10.32 -3.80
N GLY A 92 6.32 -9.82 -5.01
CA GLY A 92 5.39 -8.85 -5.57
C GLY A 92 4.02 -9.45 -5.79
N TYR A 93 3.96 -10.67 -6.31
CA TYR A 93 2.69 -11.36 -6.45
C TYR A 93 2.01 -11.55 -5.11
N ALA A 94 2.78 -11.87 -4.07
CA ALA A 94 2.24 -12.07 -2.74
C ALA A 94 1.65 -10.79 -2.17
N VAL A 95 2.34 -9.65 -2.35
CA VAL A 95 1.80 -8.40 -1.84
C VAL A 95 0.56 -7.99 -2.63
N ILE A 96 0.51 -8.28 -3.93
CA ILE A 96 -0.71 -8.01 -4.69
C ILE A 96 -1.86 -8.87 -4.17
N LEU A 97 -1.61 -10.15 -3.91
CA LEU A 97 -2.65 -11.02 -3.37
C LEU A 97 -3.11 -10.53 -1.99
N ILE A 98 -2.17 -10.08 -1.17
CA ILE A 98 -2.51 -9.55 0.15
C ILE A 98 -3.40 -8.33 0.01
N ALA A 99 -3.06 -7.44 -0.94
CA ALA A 99 -3.85 -6.25 -1.14
C ALA A 99 -5.27 -6.59 -1.58
N LEU A 100 -5.40 -7.60 -2.45
CA LEU A 100 -6.73 -8.06 -2.86
C LEU A 100 -7.50 -8.61 -1.66
N TYR A 101 -6.87 -9.47 -0.88
CA TYR A 101 -7.51 -9.97 0.34
C TYR A 101 -7.97 -8.85 1.24
N VAL A 102 -7.12 -7.84 1.44
CA VAL A 102 -7.46 -6.77 2.36
C VAL A 102 -8.60 -5.94 1.81
N GLY A 103 -8.65 -5.76 0.49
CA GLY A 103 -9.80 -5.12 -0.12
C GLY A 103 -11.08 -5.90 0.06
N PHE A 104 -10.99 -7.22 0.23
CA PHE A 104 -12.20 -8.00 0.47
C PHE A 104 -12.94 -7.60 1.74
N TYR A 105 -12.28 -6.94 2.70
CA TYR A 105 -12.96 -6.52 3.92
C TYR A 105 -12.79 -5.04 4.26
N TYR A 106 -11.87 -4.33 3.58
CA TYR A 106 -11.71 -2.89 3.77
C TYR A 106 -12.93 -2.11 3.27
N ASN A 107 -13.47 -2.52 2.13
CA ASN A 107 -14.63 -1.88 1.56
C ASN A 107 -15.88 -2.17 2.36
N VAL A 108 -15.88 -3.22 3.16
CA VAL A 108 -16.98 -3.48 4.09
C VAL A 108 -16.95 -2.50 5.25
N ILE A 109 -15.77 -2.14 5.74
CA ILE A 109 -15.68 -1.07 6.72
C ILE A 109 -16.12 0.25 6.11
N ILE A 110 -15.77 0.48 4.85
CA ILE A 110 -16.29 1.67 4.16
C ILE A 110 -17.82 1.60 4.07
N ALA A 111 -18.37 0.40 3.82
CA ALA A 111 -19.81 0.24 3.74
C ALA A 111 -20.48 0.50 5.09
N TRP A 112 -19.83 0.08 6.18
CA TRP A 112 -20.32 0.42 7.52
C TRP A 112 -20.32 1.92 7.72
N SER A 113 -19.26 2.60 7.30
CA SER A 113 -19.20 4.06 7.40
C SER A 113 -20.31 4.71 6.62
N LEU A 114 -20.59 4.21 5.42
CA LEU A 114 -21.69 4.74 4.61
C LEU A 114 -23.04 4.49 5.26
N TYR A 115 -23.23 3.30 5.83
CA TYR A 115 -24.48 3.01 6.54
C TYR A 115 -24.66 3.96 7.72
N TYR A 116 -23.59 4.19 8.47
CA TYR A 116 -23.65 5.09 9.62
C TYR A 116 -23.88 6.53 9.20
N LEU A 117 -23.29 6.96 8.09
CA LEU A 117 -23.57 8.28 7.54
C LEU A 117 -25.04 8.41 7.14
N PHE A 118 -25.58 7.39 6.47
CA PHE A 118 -26.99 7.43 6.10
C PHE A 118 -27.88 7.46 7.34
N SER A 119 -27.50 6.71 8.37
CA SER A 119 -28.22 6.72 9.64
C SER A 119 -28.04 8.03 10.41
N SER A 120 -27.06 8.84 10.05
CA SER A 120 -26.77 10.08 10.74
C SER A 120 -27.65 11.24 10.31
N PHE A 121 -28.52 11.05 9.32
CA PHE A 121 -29.36 12.14 8.82
C PHE A 121 -30.68 12.17 9.60
N THR A 122 -30.55 12.45 10.89
CA THR A 122 -31.69 12.52 11.79
C THR A 122 -31.34 13.43 12.96
N LEU A 123 -32.36 13.94 13.63
CA LEU A 123 -32.17 14.63 14.89
C LEU A 123 -32.21 13.69 16.08
N ASN A 124 -32.53 12.42 15.85
CA ASN A 124 -32.51 11.38 16.88
C ASN A 124 -31.61 10.25 16.36
N LEU A 125 -30.33 10.33 16.70
CA LEU A 125 -29.38 9.36 16.21
C LEU A 125 -29.73 7.97 16.71
N PRO A 126 -29.66 6.95 15.87
CA PRO A 126 -30.18 5.62 16.24
C PRO A 126 -29.40 4.93 17.36
N TRP A 127 -28.21 5.40 17.69
CA TRP A 127 -27.35 4.76 18.67
C TRP A 127 -27.40 5.40 20.05
N THR A 128 -28.27 6.38 20.25
CA THR A 128 -28.31 7.11 21.51
C THR A 128 -29.21 6.44 22.55
N ASP A 129 -30.30 5.83 22.14
CA ASP A 129 -31.29 5.26 23.05
C ASP A 129 -31.61 3.84 22.62
N CYS A 130 -32.26 3.11 23.52
CA CYS A 130 -32.84 1.82 23.19
C CYS A 130 -34.28 2.05 22.72
N GLY A 131 -35.04 0.97 22.59
CA GLY A 131 -36.40 1.06 22.14
C GLY A 131 -36.59 1.02 20.64
N HIS A 132 -35.55 0.68 19.89
CA HIS A 132 -35.64 0.50 18.45
C HIS A 132 -35.94 -0.97 18.15
N THR A 133 -36.28 -1.23 16.88
CA THR A 133 -36.63 -2.59 16.48
C THR A 133 -35.46 -3.55 16.62
N TRP A 134 -34.23 -3.05 16.59
CA TRP A 134 -33.05 -3.90 16.69
C TRP A 134 -32.59 -4.09 18.13
N ASN A 135 -33.20 -3.41 19.10
CA ASN A 135 -32.76 -3.48 20.48
C ASN A 135 -33.29 -4.75 21.14
N SER A 136 -32.41 -5.43 21.85
CA SER A 136 -32.78 -6.60 22.63
C SER A 136 -33.46 -6.16 23.92
N PRO A 137 -34.14 -7.08 24.61
CA PRO A 137 -34.69 -6.73 25.93
C PRO A 137 -33.62 -6.35 26.93
N ASN A 138 -32.38 -6.75 26.72
CA ASN A 138 -31.29 -6.45 27.64
C ASN A 138 -30.63 -5.10 27.37
N CYS A 139 -31.08 -4.35 26.36
CA CYS A 139 -30.51 -3.04 26.11
C CYS A 139 -30.66 -2.15 27.34
N THR A 140 -29.54 -1.68 27.86
CA THR A 140 -29.50 -0.82 29.05
C THR A 140 -29.09 0.58 28.62
N ASP A 141 -30.03 1.52 28.71
CA ASP A 141 -29.75 2.91 28.40
C ASP A 141 -29.25 3.58 29.67
N PRO A 142 -28.01 4.07 29.70
CA PRO A 142 -27.51 4.69 30.94
C PRO A 142 -28.35 5.85 31.42
N LYS A 143 -28.90 6.64 30.51
CA LYS A 143 -29.76 7.75 30.88
C LYS A 143 -31.14 7.29 31.33
N LEU A 144 -31.46 6.01 31.14
CA LEU A 144 -32.76 5.47 31.55
C LEU A 144 -33.90 6.29 30.98
N HIS A 153 -22.85 -6.72 35.86
CA HIS A 153 -22.25 -7.15 34.60
C HIS A 153 -21.16 -8.19 34.85
N THR A 154 -21.20 -9.28 34.08
CA THR A 154 -20.18 -10.31 34.18
C THR A 154 -18.80 -9.71 33.92
N LYS A 155 -17.85 -10.04 34.78
CA LYS A 155 -16.57 -9.33 34.79
C LYS A 155 -15.82 -9.51 33.46
N TYR A 156 -15.41 -10.74 33.16
CA TYR A 156 -14.58 -11.00 31.98
C TYR A 156 -15.45 -11.26 30.76
N SER A 157 -16.26 -10.26 30.41
CA SER A 157 -17.16 -10.37 29.27
C SER A 157 -17.45 -8.97 28.73
N LYS A 158 -17.58 -8.89 27.40
CA LYS A 158 -17.95 -7.64 26.77
C LYS A 158 -19.40 -7.27 27.08
N TYR A 159 -19.65 -5.97 27.23
CA TYR A 159 -20.97 -5.52 27.64
C TYR A 159 -22.03 -5.90 26.60
N LYS A 160 -21.95 -5.33 25.40
CA LYS A 160 -22.85 -5.59 24.28
C LYS A 160 -24.26 -5.06 24.46
N PHE A 161 -24.59 -4.50 25.63
CA PHE A 161 -25.95 -4.06 25.89
C PHE A 161 -26.09 -2.54 25.88
N THR A 162 -25.05 -1.81 25.48
CA THR A 162 -25.17 -0.38 25.33
C THR A 162 -26.00 -0.06 24.08
N PRO A 163 -26.66 1.10 24.03
CA PRO A 163 -27.38 1.46 22.81
C PRO A 163 -26.49 1.55 21.58
N ALA A 164 -25.24 1.98 21.71
CA ALA A 164 -24.35 2.06 20.55
C ALA A 164 -23.88 0.68 20.14
N ALA A 165 -23.51 -0.17 21.10
CA ALA A 165 -23.14 -1.53 20.78
C ALA A 165 -24.32 -2.29 20.19
N GLU A 166 -25.51 -2.11 20.75
CA GLU A 166 -26.68 -2.75 20.19
C GLU A 166 -26.98 -2.24 18.80
N PHE A 167 -26.92 -0.93 18.58
CA PHE A 167 -27.13 -0.42 17.24
C PHE A 167 -26.15 -1.06 16.27
N TYR A 168 -24.86 -1.00 16.58
CA TYR A 168 -23.88 -1.59 15.68
C TYR A 168 -24.23 -3.05 15.40
N GLU A 169 -24.18 -3.89 16.43
CA GLU A 169 -24.24 -5.33 16.23
C GLU A 169 -25.58 -5.80 15.69
N ARG A 170 -26.69 -5.20 16.10
CA ARG A 170 -28.00 -5.70 15.75
C ARG A 170 -28.68 -4.91 14.64
N GLY A 171 -28.55 -3.59 14.63
CA GLY A 171 -29.18 -2.78 13.61
C GLY A 171 -28.30 -2.51 12.41
N VAL A 172 -26.99 -2.75 12.51
CA VAL A 172 -26.09 -2.63 11.38
C VAL A 172 -25.61 -3.99 10.90
N LEU A 173 -24.95 -4.73 11.77
CA LEU A 173 -24.42 -6.04 11.39
C LEU A 173 -25.52 -7.08 11.30
N HIS A 174 -26.55 -6.97 12.14
CA HIS A 174 -27.50 -8.05 12.36
C HIS A 174 -26.77 -9.32 12.78
N LEU A 175 -25.77 -9.15 13.64
CA LEU A 175 -24.97 -10.27 14.11
C LEU A 175 -25.76 -11.20 15.00
N HIS A 176 -26.81 -10.71 15.66
CA HIS A 176 -27.62 -11.55 16.52
C HIS A 176 -28.27 -12.68 15.74
N GLU A 177 -28.37 -12.56 14.43
CA GLU A 177 -28.95 -13.58 13.57
C GLU A 177 -27.92 -14.59 13.10
N SER A 178 -26.68 -14.48 13.55
CA SER A 178 -25.61 -15.41 13.22
C SER A 178 -25.09 -16.06 14.49
N SER A 179 -25.01 -17.38 14.49
CA SER A 179 -24.47 -18.10 15.63
C SER A 179 -22.95 -18.17 15.60
N GLY A 180 -22.35 -18.06 14.43
CA GLY A 180 -20.91 -18.17 14.31
C GLY A 180 -20.52 -18.11 12.86
N ILE A 181 -19.22 -18.33 12.61
CA ILE A 181 -18.74 -18.34 11.23
C ILE A 181 -19.20 -19.58 10.47
N HIS A 182 -19.66 -20.61 11.19
CA HIS A 182 -20.33 -21.73 10.57
C HIS A 182 -21.73 -21.38 10.09
N ASP A 183 -22.33 -20.31 10.62
CA ASP A 183 -23.66 -19.86 10.25
C ASP A 183 -23.56 -18.35 10.03
N ILE A 184 -23.18 -17.96 8.81
CA ILE A 184 -22.99 -16.53 8.55
C ILE A 184 -24.23 -15.92 7.94
N GLY A 185 -25.14 -16.72 7.41
CA GLY A 185 -26.36 -16.20 6.85
C GLY A 185 -26.16 -15.57 5.50
N LEU A 186 -27.19 -14.94 5.05
CA LEU A 186 -27.17 -14.30 3.74
C LEU A 186 -26.73 -12.85 3.86
N PRO A 187 -26.17 -12.27 2.80
CA PRO A 187 -25.77 -10.85 2.86
C PRO A 187 -26.90 -9.93 3.29
N GLN A 188 -26.68 -9.17 4.36
CA GLN A 188 -27.64 -8.15 4.76
C GLN A 188 -27.81 -7.13 3.64
N TRP A 189 -29.07 -6.85 3.28
CA TRP A 189 -29.33 -6.10 2.06
C TRP A 189 -29.02 -4.62 2.17
N GLN A 190 -29.19 -4.02 3.36
CA GLN A 190 -28.79 -2.62 3.52
C GLN A 190 -27.29 -2.45 3.37
N LEU A 191 -26.52 -3.32 4.02
CA LEU A 191 -25.09 -3.36 3.84
C LEU A 191 -24.70 -3.76 2.43
N LEU A 192 -25.52 -4.58 1.76
CA LEU A 192 -25.27 -4.89 0.35
C LEU A 192 -25.38 -3.66 -0.52
N LEU A 193 -26.41 -2.83 -0.30
CA LEU A 193 -26.55 -1.61 -1.08
C LEU A 193 -25.43 -0.62 -0.77
N CYS A 194 -25.04 -0.50 0.50
CA CYS A 194 -23.92 0.37 0.85
C CYS A 194 -22.62 -0.11 0.21
N LEU A 195 -22.37 -1.42 0.18
CA LEU A 195 -21.21 -1.98 -0.48
C LEU A 195 -21.27 -1.76 -1.99
N MET A 196 -22.45 -1.89 -2.58
CA MET A 196 -22.61 -1.58 -4.00
C MET A 196 -22.22 -0.14 -4.29
N VAL A 197 -22.70 0.78 -3.46
CA VAL A 197 -22.33 2.19 -3.64
C VAL A 197 -20.83 2.37 -3.50
N VAL A 198 -20.24 1.74 -2.48
CA VAL A 198 -18.81 1.88 -2.24
C VAL A 198 -18.02 1.42 -3.46
N VAL A 199 -18.38 0.26 -4.02
CA VAL A 199 -17.57 -0.29 -5.12
C VAL A 199 -17.85 0.44 -6.43
N ILE A 200 -19.06 0.93 -6.65
CA ILE A 200 -19.31 1.74 -7.84
C ILE A 200 -18.51 3.04 -7.77
N VAL A 201 -18.46 3.68 -6.61
CA VAL A 201 -17.62 4.86 -6.43
C VAL A 201 -16.17 4.51 -6.69
N LEU A 202 -15.70 3.38 -6.16
CA LEU A 202 -14.33 2.96 -6.40
C LEU A 202 -14.04 2.78 -7.89
N TYR A 203 -14.90 2.04 -8.59
CA TYR A 203 -14.71 1.81 -10.01
C TYR A 203 -14.61 3.13 -10.76
N PHE A 204 -15.59 4.01 -10.56
CA PHE A 204 -15.60 5.24 -11.34
C PHE A 204 -14.57 6.24 -10.85
N SER A 205 -13.93 5.99 -9.73
CA SER A 205 -12.76 6.74 -9.31
C SER A 205 -11.47 6.16 -9.86
N LEU A 206 -11.48 4.91 -10.31
CA LEU A 206 -10.27 4.25 -10.78
C LEU A 206 -10.27 3.90 -12.27
N TRP A 207 -11.41 3.93 -12.95
CA TRP A 207 -11.52 3.31 -14.26
C TRP A 207 -10.83 4.07 -15.38
N LYS A 208 -10.67 5.39 -15.25
CA LYS A 208 -10.16 6.21 -16.34
C LYS A 208 -8.78 6.77 -16.05
N GLY A 209 -8.15 6.36 -14.96
CA GLY A 209 -6.87 6.93 -14.61
C GLY A 209 -6.35 6.32 -13.33
N VAL A 210 -5.13 6.67 -13.02
CA VAL A 210 -4.38 6.04 -11.94
C VAL A 210 -4.58 6.82 -10.65
N LYS A 211 -4.73 6.09 -9.55
CA LYS A 211 -4.75 6.69 -8.23
C LYS A 211 -3.34 7.11 -7.84
N THR A 212 -3.19 8.35 -7.39
CA THR A 212 -1.88 8.85 -7.00
C THR A 212 -2.03 9.85 -5.86
N VAL A 216 -9.74 13.44 -3.60
CA VAL A 216 -9.97 14.66 -2.83
C VAL A 216 -9.06 14.68 -1.61
N VAL A 217 -8.29 15.77 -1.48
CA VAL A 217 -7.38 15.94 -0.35
C VAL A 217 -7.82 17.02 0.61
N TRP A 218 -8.70 17.93 0.20
CA TRP A 218 -9.29 18.89 1.12
C TRP A 218 -10.30 18.24 2.05
N ILE A 219 -10.50 16.93 1.95
CA ILE A 219 -11.35 16.20 2.86
C ILE A 219 -10.53 15.13 3.56
N THR A 220 -9.74 14.38 2.79
CA THR A 220 -8.99 13.26 3.35
C THR A 220 -7.67 13.70 3.99
N ALA A 221 -7.33 14.99 3.92
CA ALA A 221 -6.12 15.50 4.54
C ALA A 221 -6.40 16.58 5.57
N THR A 222 -7.65 16.99 5.75
CA THR A 222 -8.02 18.01 6.71
C THR A 222 -9.09 17.55 7.67
N LEU A 223 -10.05 16.75 7.21
CA LEU A 223 -11.17 16.35 8.05
C LEU A 223 -10.72 15.31 9.07
N PRO A 224 -9.85 14.36 8.73
CA PRO A 224 -9.36 13.42 9.75
C PRO A 224 -8.73 14.12 10.94
N TYR A 225 -7.92 15.15 10.70
CA TYR A 225 -7.25 15.88 11.76
C TYR A 225 -8.18 16.79 12.53
N PHE A 226 -9.09 17.46 11.85
CA PHE A 226 -10.10 18.25 12.56
C PHE A 226 -10.97 17.36 13.44
N VAL A 227 -11.40 16.21 12.91
CA VAL A 227 -12.21 15.28 13.68
C VAL A 227 -11.43 14.74 14.87
N LEU A 228 -10.15 14.39 14.65
CA LEU A 228 -9.33 13.89 15.74
C LEU A 228 -9.13 14.94 16.82
N PHE A 229 -8.86 16.18 16.43
CA PHE A 229 -8.70 17.27 17.39
C PHE A 229 -9.99 17.53 18.16
N VAL A 230 -11.13 17.52 17.48
CA VAL A 230 -12.40 17.71 18.17
C VAL A 230 -12.65 16.59 19.16
N LEU A 231 -12.44 15.34 18.73
CA LEU A 231 -12.63 14.22 19.64
C LEU A 231 -11.72 14.32 20.84
N LEU A 232 -10.45 14.64 20.62
CA LEU A 232 -9.51 14.74 21.74
C LEU A 232 -9.94 15.83 22.71
N VAL A 233 -10.20 17.03 22.21
CA VAL A 233 -10.52 18.16 23.06
C VAL A 233 -11.83 17.95 23.80
N HIS A 234 -12.82 17.32 23.17
CA HIS A 234 -14.09 17.05 23.84
C HIS A 234 -13.99 15.89 24.80
N GLY A 235 -13.24 14.84 24.45
CA GLY A 235 -13.15 13.67 25.29
C GLY A 235 -12.39 13.94 26.58
N VAL A 236 -11.34 14.76 26.51
CA VAL A 236 -10.60 15.05 27.73
C VAL A 236 -11.51 15.65 28.79
N THR A 237 -12.62 16.28 28.39
CA THR A 237 -13.55 16.90 29.31
C THR A 237 -14.70 15.98 29.71
N LEU A 238 -14.80 14.79 29.13
CA LEU A 238 -15.91 13.91 29.44
C LEU A 238 -15.74 13.32 30.84
N PRO A 239 -16.82 13.08 31.57
CA PRO A 239 -16.71 12.40 32.88
C PRO A 239 -16.12 11.02 32.73
N GLY A 240 -15.12 10.71 33.55
CA GLY A 240 -14.45 9.44 33.51
C GLY A 240 -13.37 9.34 32.45
N ALA A 241 -13.20 10.38 31.63
CA ALA A 241 -12.16 10.35 30.61
C ALA A 241 -10.78 10.30 31.24
N SER A 242 -10.65 10.83 32.45
CA SER A 242 -9.37 10.77 33.15
C SER A 242 -8.96 9.33 33.43
N ASN A 243 -9.91 8.47 33.78
CA ASN A 243 -9.59 7.07 34.01
C ASN A 243 -9.11 6.39 32.74
N GLY A 244 -9.74 6.68 31.60
CA GLY A 244 -9.25 6.15 30.34
C GLY A 244 -7.89 6.69 29.96
N ILE A 245 -7.63 7.97 30.22
CA ILE A 245 -6.32 8.53 29.95
C ILE A 245 -5.27 7.88 30.84
N ASN A 246 -5.59 7.62 32.11
CA ASN A 246 -4.68 6.91 33.00
C ASN A 246 -4.43 5.48 32.56
N ALA A 247 -5.46 4.78 32.07
CA ALA A 247 -5.28 3.45 31.51
C ALA A 247 -4.41 3.47 30.26
N TYR A 248 -4.56 4.47 29.42
CA TYR A 248 -3.76 4.60 28.20
C TYR A 248 -2.30 4.91 28.54
N LEU A 249 -2.07 5.86 29.44
CA LEU A 249 -0.71 6.27 29.79
C LEU A 249 -0.14 5.37 30.87
N HIS A 250 -0.74 4.19 31.05
CA HIS A 250 -0.22 3.18 31.95
C HIS A 250 0.34 2.05 31.11
N ILE A 251 1.62 1.76 31.29
CA ILE A 251 2.28 0.67 30.57
C ILE A 251 2.21 -0.57 31.45
N ASP A 252 1.55 -1.60 30.95
CA ASP A 252 1.53 -2.91 31.61
C ASP A 252 2.65 -3.73 30.98
N PHE A 253 3.82 -3.69 31.61
CA PHE A 253 5.01 -4.32 31.04
C PHE A 253 4.91 -5.83 30.93
N TYR A 254 3.99 -6.46 31.65
CA TYR A 254 3.75 -7.88 31.46
C TYR A 254 3.22 -8.19 30.07
N ARG A 255 2.48 -7.26 29.46
CA ARG A 255 2.02 -7.41 28.09
C ARG A 255 3.16 -7.40 27.08
N LEU A 256 4.28 -6.75 27.42
CA LEU A 256 5.41 -6.64 26.51
C LEU A 256 6.27 -7.88 26.49
N LYS A 257 6.09 -8.79 27.44
CA LYS A 257 6.79 -10.07 27.47
C LYS A 257 6.04 -11.14 26.69
N GLU A 258 4.88 -10.83 26.15
CA GLU A 258 4.16 -11.73 25.25
C GLU A 258 4.29 -11.21 23.83
N ALA A 259 4.07 -12.12 22.87
CA ALA A 259 4.23 -11.78 21.47
C ALA A 259 3.03 -11.05 20.87
N THR A 260 1.87 -11.10 21.53
CA THR A 260 0.67 -10.54 20.91
C THR A 260 0.84 -9.06 20.61
N VAL A 261 1.35 -8.30 21.57
CA VAL A 261 1.48 -6.86 21.39
C VAL A 261 2.49 -6.56 20.27
N TRP A 262 3.58 -7.32 20.22
CA TRP A 262 4.61 -7.08 19.20
C TRP A 262 4.11 -7.41 17.80
N ILE A 263 3.43 -8.55 17.66
CA ILE A 263 2.85 -8.91 16.36
C ILE A 263 1.83 -7.88 15.94
N ASP A 264 0.95 -7.48 16.86
CA ASP A 264 -0.08 -6.51 16.54
C ASP A 264 0.53 -5.19 16.12
N ALA A 265 1.58 -4.76 16.82
CA ALA A 265 2.24 -3.50 16.51
C ALA A 265 2.91 -3.54 15.15
N ALA A 266 3.65 -4.62 14.85
CA ALA A 266 4.31 -4.72 13.56
C ALA A 266 3.29 -4.74 12.43
N THR A 267 2.24 -5.54 12.59
CA THR A 267 1.20 -5.63 11.56
C THR A 267 0.51 -4.29 11.37
N GLN A 268 0.22 -3.58 12.46
CA GLN A 268 -0.43 -2.28 12.35
C GLN A 268 0.49 -1.26 11.69
N ILE A 269 1.78 -1.32 11.98
CA ILE A 269 2.73 -0.43 11.32
C ILE A 269 2.67 -0.64 9.81
N PHE A 270 2.73 -1.89 9.37
CA PHE A 270 2.76 -2.13 7.94
C PHE A 270 1.39 -1.94 7.30
N PHE A 271 0.33 -2.08 8.09
CA PHE A 271 -1.02 -1.85 7.61
C PHE A 271 -1.29 -0.37 7.40
N SER A 272 -0.91 0.46 8.37
CA SER A 272 -1.18 1.88 8.30
C SER A 272 -0.22 2.60 7.36
N LEU A 273 1.04 2.16 7.31
CA LEU A 273 2.00 2.81 6.43
C LEU A 273 1.82 2.42 4.97
N GLY A 274 1.29 1.23 4.71
CA GLY A 274 1.01 0.78 3.36
C GLY A 274 2.05 -0.15 2.77
N ALA A 275 3.02 -0.61 3.56
CA ALA A 275 4.03 -1.53 3.08
C ALA A 275 3.53 -2.97 3.16
N GLY A 276 4.04 -3.81 2.28
CA GLY A 276 3.57 -5.17 2.17
C GLY A 276 2.29 -5.32 1.37
N PHE A 277 1.83 -4.26 0.73
CA PHE A 277 0.63 -4.28 -0.10
C PHE A 277 0.90 -4.00 -1.56
N GLY A 278 2.10 -3.54 -1.91
CA GLY A 278 2.34 -3.00 -3.23
C GLY A 278 1.79 -1.62 -3.42
N VAL A 279 1.19 -1.03 -2.37
CA VAL A 279 0.58 0.29 -2.48
C VAL A 279 1.65 1.36 -2.62
N LEU A 280 2.70 1.28 -1.81
CA LEU A 280 3.76 2.28 -1.87
C LEU A 280 4.57 2.17 -3.15
N ILE A 281 4.87 0.95 -3.59
CA ILE A 281 5.62 0.77 -4.82
C ILE A 281 4.83 1.29 -6.01
N ALA A 282 3.55 0.95 -6.09
CA ALA A 282 2.73 1.43 -7.19
C ALA A 282 2.55 2.94 -7.13
N PHE A 283 2.35 3.48 -5.93
CA PHE A 283 2.19 4.93 -5.80
C PHE A 283 3.45 5.65 -6.25
N ALA A 284 4.62 5.16 -5.84
CA ALA A 284 5.87 5.83 -6.15
C ALA A 284 6.25 5.64 -7.61
N SER A 285 5.81 4.54 -8.23
CA SER A 285 6.09 4.31 -9.64
C SER A 285 5.48 5.37 -10.53
N TYR A 286 4.55 6.17 -10.01
CA TYR A 286 3.95 7.28 -10.73
C TYR A 286 4.47 8.62 -10.26
N ASN A 287 5.38 8.64 -9.30
CA ASN A 287 6.00 9.87 -8.83
C ASN A 287 7.03 10.34 -9.84
N LYS A 288 7.45 11.60 -9.69
CA LYS A 288 8.57 12.08 -10.47
C LYS A 288 9.84 11.41 -9.97
N PHE A 289 10.72 11.04 -10.90
CA PHE A 289 11.89 10.25 -10.55
C PHE A 289 12.77 10.93 -9.51
N ASP A 290 12.79 12.27 -9.48
CA ASP A 290 13.63 13.01 -8.56
C ASP A 290 12.90 13.47 -7.30
N ASN A 291 11.66 13.01 -7.11
CA ASN A 291 10.92 13.30 -5.89
C ASN A 291 11.66 12.79 -4.66
N ASN A 292 11.60 13.56 -3.58
CA ASN A 292 12.26 13.20 -2.32
C ASN A 292 11.45 12.14 -1.59
N CYS A 293 11.89 10.88 -1.71
CA CYS A 293 11.28 9.79 -0.99
C CYS A 293 11.69 9.77 0.47
N TYR A 294 12.88 10.28 0.79
CA TYR A 294 13.34 10.38 2.18
C TYR A 294 12.44 11.30 2.98
N ARG A 295 12.21 12.51 2.47
CA ARG A 295 11.32 13.45 3.15
C ARG A 295 9.91 12.90 3.22
N ASP A 296 9.45 12.24 2.16
CA ASP A 296 8.13 11.64 2.19
C ASP A 296 8.02 10.61 3.29
N ALA A 297 9.01 9.72 3.42
CA ALA A 297 8.99 8.71 4.46
C ALA A 297 9.02 9.35 5.84
N LEU A 298 9.89 10.34 6.03
CA LEU A 298 9.98 10.98 7.35
C LEU A 298 8.65 11.62 7.72
N LEU A 299 8.05 12.38 6.80
CA LEU A 299 6.81 13.06 7.10
C LEU A 299 5.68 12.07 7.37
N THR A 300 5.54 11.06 6.51
CA THR A 300 4.48 10.09 6.69
C THR A 300 4.63 9.35 8.01
N SER A 301 5.84 8.95 8.37
CA SER A 301 6.05 8.22 9.61
C SER A 301 5.83 9.09 10.84
N SER A 302 6.33 10.33 10.82
CA SER A 302 6.10 11.22 11.94
C SER A 302 4.63 11.51 12.15
N ILE A 303 3.90 11.78 11.07
CA ILE A 303 2.48 12.05 11.18
C ILE A 303 1.72 10.80 11.60
N ASN A 304 2.12 9.63 11.12
CA ASN A 304 1.50 8.39 11.55
C ASN A 304 1.68 8.18 13.04
N CYS A 305 2.89 8.41 13.55
CA CYS A 305 3.14 8.29 14.97
C CYS A 305 2.27 9.25 15.77
N ILE A 306 2.23 10.51 15.37
CA ILE A 306 1.49 11.51 16.13
C ILE A 306 -0.01 11.22 16.09
N THR A 307 -0.55 10.92 14.91
CA THR A 307 -1.98 10.67 14.78
C THR A 307 -2.39 9.33 15.38
N SER A 308 -1.46 8.41 15.59
CA SER A 308 -1.75 7.19 16.33
C SER A 308 -1.73 7.42 17.84
N PHE A 309 -0.74 8.14 18.34
CA PHE A 309 -0.76 8.48 19.76
C PHE A 309 -2.02 9.26 20.12
N VAL A 310 -2.34 10.29 19.32
CA VAL A 310 -3.52 11.10 19.62
C VAL A 310 -4.80 10.30 19.41
N SER A 311 -4.85 9.45 18.40
CA SER A 311 -6.02 8.60 18.20
C SER A 311 -6.25 7.67 19.38
N GLY A 312 -5.18 7.03 19.88
CA GLY A 312 -5.32 6.21 21.07
C GLY A 312 -5.73 7.00 22.29
N PHE A 313 -5.16 8.18 22.47
CA PHE A 313 -5.51 9.02 23.60
C PHE A 313 -6.99 9.40 23.57
N ALA A 314 -7.50 9.78 22.39
CA ALA A 314 -8.91 10.14 22.26
C ALA A 314 -9.82 8.94 22.45
N ILE A 315 -9.50 7.80 21.86
CA ILE A 315 -10.39 6.65 22.01
C ILE A 315 -10.37 6.15 23.44
N PHE A 316 -9.24 6.26 24.15
CA PHE A 316 -9.23 5.87 25.54
C PHE A 316 -9.92 6.87 26.45
N SER A 317 -9.90 8.16 26.11
CA SER A 317 -10.74 9.11 26.82
C SER A 317 -12.22 8.75 26.66
N ILE A 318 -12.63 8.42 25.43
CA ILE A 318 -14.01 7.99 25.22
C ILE A 318 -14.30 6.72 25.99
N LEU A 319 -13.39 5.75 25.97
CA LEU A 319 -13.58 4.48 26.66
C LEU A 319 -13.70 4.68 28.17
N GLY A 320 -12.88 5.55 28.74
CA GLY A 320 -13.01 5.88 30.14
C GLY A 320 -14.30 6.60 30.44
N TYR A 321 -14.84 7.32 29.46
CA TYR A 321 -16.15 7.93 29.64
C TYR A 321 -17.26 6.88 29.62
N MET A 322 -17.17 5.89 28.72
CA MET A 322 -18.20 4.85 28.67
C MET A 322 -18.12 3.94 29.88
N ALA A 323 -16.92 3.66 30.38
CA ALA A 323 -16.78 2.88 31.59
C ALA A 323 -17.44 3.53 32.79
N HIS A 324 -17.54 4.85 32.79
CA HIS A 324 -18.19 5.63 33.83
C HIS A 324 -19.68 5.79 33.57
N GLU A 325 -20.07 5.94 32.32
CA GLU A 325 -21.48 6.04 31.95
C GLU A 325 -22.19 4.71 32.14
N HIS A 326 -21.56 3.62 31.70
CA HIS A 326 -22.14 2.29 31.80
C HIS A 326 -21.77 1.57 33.08
N LYS A 327 -20.94 2.16 33.93
CA LYS A 327 -20.55 1.57 35.21
C LYS A 327 -19.83 0.24 35.02
N VAL A 328 -19.22 0.06 33.85
CA VAL A 328 -18.46 -1.15 33.52
C VAL A 328 -17.00 -0.76 33.54
N ASN A 329 -16.10 -1.74 33.66
CA ASN A 329 -14.67 -1.49 33.62
C ASN A 329 -14.21 -1.20 32.20
N ILE A 330 -13.11 -0.44 32.08
CA ILE A 330 -12.62 -0.05 30.76
C ILE A 330 -12.26 -1.27 29.94
N GLU A 331 -11.66 -2.29 30.56
CA GLU A 331 -11.24 -3.46 29.81
C GLU A 331 -12.42 -4.28 29.29
N ASP A 332 -13.64 -4.03 29.79
CA ASP A 332 -14.82 -4.76 29.34
C ASP A 332 -15.85 -3.87 28.66
N VAL A 333 -15.62 -2.57 28.57
CA VAL A 333 -16.69 -1.65 28.20
C VAL A 333 -17.02 -1.75 26.71
N ALA A 334 -16.04 -2.04 25.87
CA ALA A 334 -16.25 -2.02 24.42
C ALA A 334 -15.66 -3.26 23.78
N THR A 335 -15.94 -3.41 22.48
CA THR A 335 -15.34 -4.47 21.68
C THR A 335 -13.84 -4.26 21.52
N GLU A 336 -13.12 -5.35 21.33
CA GLU A 336 -11.73 -5.31 20.89
C GLU A 336 -11.59 -5.66 19.41
N GLY A 337 -12.69 -5.62 18.66
CA GLY A 337 -12.69 -5.99 17.26
C GLY A 337 -12.85 -4.81 16.34
N ALA A 338 -13.11 -5.13 15.07
CA ALA A 338 -13.08 -4.13 14.00
C ALA A 338 -14.05 -2.99 14.25
N GLY A 339 -15.23 -3.30 14.79
CA GLY A 339 -16.26 -2.30 14.94
C GLY A 339 -16.16 -1.47 16.19
N LEU A 340 -14.98 -1.40 16.80
CA LEU A 340 -14.82 -0.62 18.03
C LEU A 340 -15.09 0.86 17.81
N VAL A 341 -14.59 1.42 16.71
CA VAL A 341 -14.80 2.84 16.45
C VAL A 341 -16.27 3.15 16.13
N PHE A 342 -16.98 2.23 15.49
CA PHE A 342 -18.40 2.37 15.20
C PHE A 342 -19.26 2.27 16.46
N ILE A 343 -18.67 2.07 17.63
CA ILE A 343 -19.33 2.24 18.90
C ILE A 343 -18.78 3.43 19.66
N LEU A 344 -17.45 3.61 19.63
CA LEU A 344 -16.81 4.65 20.42
C LEU A 344 -17.12 6.04 19.90
N TYR A 345 -17.01 6.24 18.59
CA TYR A 345 -17.18 7.57 18.03
C TYR A 345 -18.64 7.97 17.96
N PRO A 346 -19.57 7.06 17.70
CA PRO A 346 -20.99 7.39 17.97
C PRO A 346 -21.25 7.76 19.43
N GLU A 347 -20.60 7.09 20.38
CA GLU A 347 -20.75 7.43 21.78
C GLU A 347 -20.23 8.83 22.08
N ALA A 348 -19.12 9.22 21.45
CA ALA A 348 -18.60 10.58 21.61
C ALA A 348 -19.49 11.61 20.93
N ILE A 349 -19.99 11.29 19.73
CA ILE A 349 -20.87 12.20 19.01
C ILE A 349 -22.13 12.47 19.78
N SER A 350 -22.67 11.45 20.45
CA SER A 350 -23.87 11.62 21.25
C SER A 350 -23.69 12.65 22.35
N THR A 351 -22.48 12.78 22.90
CA THR A 351 -22.19 13.75 23.94
C THR A 351 -21.88 15.14 23.40
N LEU A 352 -21.67 15.27 22.10
CA LEU A 352 -21.36 16.55 21.48
C LEU A 352 -22.65 17.32 21.21
N SER A 353 -22.56 18.64 21.30
CA SER A 353 -23.69 19.48 20.92
C SER A 353 -23.80 19.52 19.40
N GLY A 354 -25.03 19.50 18.90
CA GLY A 354 -25.26 19.37 17.48
C GLY A 354 -24.77 18.04 16.97
N SER A 355 -25.12 16.97 17.70
CA SER A 355 -24.55 15.65 17.45
C SER A 355 -24.83 15.15 16.04
N THR A 356 -25.89 15.64 15.38
CA THR A 356 -26.15 15.23 14.00
C THR A 356 -25.11 15.79 13.05
N PHE A 357 -24.77 17.08 13.20
CA PHE A 357 -23.70 17.65 12.39
C PHE A 357 -22.41 16.89 12.56
N TRP A 358 -22.05 16.56 13.80
CA TRP A 358 -20.82 15.84 14.08
C TRP A 358 -20.86 14.40 13.61
N ALA A 359 -22.02 13.75 13.67
CA ALA A 359 -22.14 12.41 13.11
C ALA A 359 -21.90 12.42 11.61
N VAL A 360 -22.53 13.38 10.92
CA VAL A 360 -22.31 13.51 9.48
C VAL A 360 -20.85 13.80 9.18
N VAL A 361 -20.25 14.73 9.91
CA VAL A 361 -18.86 15.09 9.67
C VAL A 361 -17.95 13.89 9.88
N PHE A 362 -18.11 13.19 11.00
CA PHE A 362 -17.28 12.03 11.29
C PHE A 362 -17.43 10.91 10.28
N PHE A 363 -18.65 10.61 9.84
CA PHE A 363 -18.83 9.48 8.94
C PHE A 363 -18.54 9.84 7.49
N VAL A 364 -18.69 11.11 7.11
CA VAL A 364 -18.12 11.57 5.86
C VAL A 364 -16.60 11.44 5.89
N MET A 365 -15.98 11.82 7.01
CA MET A 365 -14.53 11.70 7.13
C MET A 365 -14.09 10.25 7.00
N LEU A 366 -14.79 9.35 7.70
CA LEU A 366 -14.46 7.93 7.63
C LEU A 366 -14.65 7.40 6.22
N LEU A 367 -15.75 7.76 5.57
CA LEU A 367 -16.00 7.30 4.22
C LEU A 367 -14.93 7.80 3.26
N ALA A 368 -14.54 9.07 3.37
CA ALA A 368 -13.51 9.62 2.50
C ALA A 368 -12.17 8.95 2.74
N LEU A 369 -11.79 8.78 4.00
CA LEU A 369 -10.52 8.14 4.33
C LEU A 369 -10.49 6.71 3.81
N GLY A 370 -11.56 5.96 4.03
CA GLY A 370 -11.62 4.60 3.57
C GLY A 370 -11.63 4.50 2.07
N LEU A 371 -12.33 5.40 1.39
CA LEU A 371 -12.36 5.37 -0.06
C LEU A 371 -10.99 5.69 -0.65
N ASP A 372 -10.29 6.67 -0.06
CA ASP A 372 -8.93 6.96 -0.50
C ASP A 372 -8.01 5.76 -0.30
N SER A 373 -8.06 5.14 0.88
CA SER A 373 -7.21 3.99 1.14
C SER A 373 -7.56 2.82 0.23
N SER A 374 -8.85 2.60 -0.02
CA SER A 374 -9.28 1.51 -0.86
C SER A 374 -8.89 1.74 -2.31
N MET A 375 -8.96 3.00 -2.77
CA MET A 375 -8.50 3.31 -4.12
C MET A 375 -7.00 3.08 -4.24
N GLY A 376 -6.24 3.45 -3.22
CA GLY A 376 -4.81 3.16 -3.26
C GLY A 376 -4.52 1.67 -3.27
N GLY A 377 -5.24 0.90 -2.45
CA GLY A 377 -5.05 -0.53 -2.42
C GLY A 377 -5.48 -1.22 -3.70
N MET A 378 -6.54 -0.72 -4.34
CA MET A 378 -6.97 -1.26 -5.62
C MET A 378 -5.99 -0.90 -6.73
N GLU A 379 -5.47 0.32 -6.70
CA GLU A 379 -4.43 0.70 -7.65
C GLU A 379 -3.18 -0.12 -7.46
N ALA A 380 -2.87 -0.53 -6.22
CA ALA A 380 -1.77 -1.46 -6.03
C ALA A 380 -1.95 -2.69 -6.92
N VAL A 381 -3.12 -3.33 -6.84
CA VAL A 381 -3.39 -4.51 -7.64
C VAL A 381 -3.39 -4.18 -9.14
N ILE A 382 -4.08 -3.11 -9.52
CA ILE A 382 -4.25 -2.78 -10.93
C ILE A 382 -2.90 -2.47 -11.57
N THR A 383 -2.12 -1.59 -10.95
CA THR A 383 -0.80 -1.26 -11.48
C THR A 383 0.13 -2.47 -11.43
N GLY A 384 0.18 -3.18 -10.31
CA GLY A 384 1.07 -4.31 -10.21
C GLY A 384 0.81 -5.36 -11.28
N LEU A 385 -0.46 -5.59 -11.60
CA LEU A 385 -0.81 -6.63 -12.56
C LEU A 385 -0.85 -6.15 -14.00
N ALA A 386 -1.10 -4.86 -14.24
CA ALA A 386 -1.06 -4.33 -15.59
C ALA A 386 0.35 -4.01 -16.04
N ASP A 387 1.27 -3.73 -15.10
CA ASP A 387 2.67 -3.65 -15.43
C ASP A 387 3.22 -5.01 -15.84
N ASP A 388 2.72 -6.07 -15.21
CA ASP A 388 3.17 -7.42 -15.51
C ASP A 388 2.59 -7.92 -16.83
N PHE A 389 1.32 -7.67 -17.07
CA PHE A 389 0.65 -8.03 -18.33
C PHE A 389 0.21 -6.75 -19.01
N GLN A 390 0.80 -6.47 -20.17
CA GLN A 390 0.54 -5.22 -20.88
C GLN A 390 -0.76 -5.25 -21.66
N VAL A 391 -1.35 -6.42 -21.85
CA VAL A 391 -2.72 -6.46 -22.37
C VAL A 391 -3.65 -5.75 -21.41
N LEU A 392 -3.41 -5.89 -20.10
CA LEU A 392 -4.23 -5.23 -19.11
C LEU A 392 -4.09 -3.71 -19.15
N LYS A 393 -2.95 -3.20 -19.64
CA LYS A 393 -2.75 -1.76 -19.74
C LYS A 393 -3.63 -1.13 -20.81
N ARG A 394 -3.98 -1.86 -21.85
CA ARG A 394 -4.87 -1.36 -22.88
C ARG A 394 -6.33 -1.44 -22.48
N HIS A 395 -6.65 -2.16 -21.41
CA HIS A 395 -8.02 -2.31 -20.91
C HIS A 395 -8.02 -1.97 -19.42
N ARG A 396 -8.08 -0.68 -19.10
CA ARG A 396 -8.14 -0.29 -17.70
C ARG A 396 -9.56 -0.24 -17.19
N LYS A 397 -10.53 0.14 -18.02
CA LYS A 397 -11.91 0.08 -17.60
C LYS A 397 -12.33 -1.35 -17.29
N LEU A 398 -12.04 -2.27 -18.20
CA LEU A 398 -12.40 -3.67 -18.02
C LEU A 398 -11.62 -4.35 -16.90
N PHE A 399 -10.31 -4.10 -16.81
CA PHE A 399 -9.52 -4.71 -15.75
C PHE A 399 -9.89 -4.14 -14.39
N THR A 400 -10.15 -2.82 -14.34
CA THR A 400 -10.63 -2.22 -13.10
C THR A 400 -11.98 -2.80 -12.71
N PHE A 401 -12.86 -3.03 -13.69
CA PHE A 401 -14.12 -3.69 -13.39
C PHE A 401 -13.89 -5.08 -12.82
N GLY A 402 -12.98 -5.84 -13.42
CA GLY A 402 -12.70 -7.17 -12.91
C GLY A 402 -12.26 -7.12 -11.46
N VAL A 403 -11.32 -6.22 -11.14
CA VAL A 403 -10.82 -6.12 -9.78
C VAL A 403 -11.93 -5.69 -8.81
N THR A 404 -12.67 -4.64 -9.16
CA THR A 404 -13.71 -4.13 -8.27
C THR A 404 -14.84 -5.14 -8.09
N PHE A 405 -15.24 -5.81 -9.17
CA PHE A 405 -16.32 -6.78 -9.09
C PHE A 405 -15.91 -8.01 -8.28
N SER A 406 -14.68 -8.48 -8.47
CA SER A 406 -14.19 -9.59 -7.66
C SER A 406 -14.14 -9.19 -6.19
N THR A 407 -13.66 -7.98 -5.91
CA THR A 407 -13.64 -7.51 -4.52
C THR A 407 -15.04 -7.43 -3.94
N PHE A 408 -16.00 -6.93 -4.72
CA PHE A 408 -17.37 -6.86 -4.24
C PHE A 408 -17.94 -8.24 -3.93
N LEU A 409 -17.76 -9.18 -4.86
CA LEU A 409 -18.30 -10.52 -4.68
C LEU A 409 -17.67 -11.22 -3.48
N LEU A 410 -16.37 -11.02 -3.24
CA LEU A 410 -15.74 -11.69 -2.12
C LEU A 410 -15.85 -10.90 -0.82
N ALA A 411 -16.28 -9.65 -0.88
CA ALA A 411 -16.66 -8.88 0.29
C ALA A 411 -18.11 -9.12 0.68
N LEU A 412 -18.89 -9.74 -0.19
CA LEU A 412 -20.25 -10.13 0.16
C LEU A 412 -20.29 -11.09 1.35
N PHE A 413 -19.20 -11.80 1.63
CA PHE A 413 -19.12 -12.67 2.79
C PHE A 413 -19.04 -11.90 4.10
N CYS A 414 -18.45 -10.71 4.08
CA CYS A 414 -18.29 -9.89 5.28
C CYS A 414 -19.48 -8.97 5.53
N ILE A 415 -20.49 -8.98 4.66
CA ILE A 415 -21.73 -8.26 4.89
C ILE A 415 -22.90 -9.21 5.14
N THR A 416 -22.61 -10.50 5.31
CA THR A 416 -23.60 -11.45 5.77
C THR A 416 -23.93 -11.17 7.24
N LYS A 417 -24.87 -11.96 7.77
CA LYS A 417 -25.21 -11.82 9.18
C LYS A 417 -24.00 -12.11 10.07
N GLY A 418 -23.24 -13.15 9.74
CA GLY A 418 -22.03 -13.46 10.45
C GLY A 418 -20.81 -12.94 9.72
N GLY A 419 -20.98 -11.83 9.00
CA GLY A 419 -19.88 -11.23 8.27
C GLY A 419 -18.82 -10.62 9.14
N ILE A 420 -19.15 -10.29 10.38
CA ILE A 420 -18.14 -9.82 11.32
C ILE A 420 -17.13 -10.91 11.60
N TYR A 421 -17.56 -12.17 11.61
CA TYR A 421 -16.64 -13.28 11.82
C TYR A 421 -15.71 -13.47 10.63
N VAL A 422 -16.25 -13.37 9.42
CA VAL A 422 -15.42 -13.43 8.22
C VAL A 422 -14.44 -12.26 8.19
N LEU A 423 -14.92 -11.08 8.56
CA LEU A 423 -14.07 -9.89 8.59
C LEU A 423 -12.99 -10.01 9.65
N THR A 424 -13.30 -10.62 10.79
CA THR A 424 -12.30 -10.85 11.83
C THR A 424 -11.25 -11.83 11.35
N LEU A 425 -11.67 -12.93 10.74
CA LEU A 425 -10.73 -13.88 10.14
C LEU A 425 -9.82 -13.17 9.15
N LEU A 426 -10.40 -12.36 8.26
CA LEU A 426 -9.61 -11.70 7.24
C LEU A 426 -8.69 -10.66 7.85
N ASP A 427 -9.20 -9.80 8.72
CA ASP A 427 -8.38 -8.80 9.37
C ASP A 427 -7.30 -9.41 10.24
N THR A 428 -7.41 -10.69 10.59
CA THR A 428 -6.34 -11.38 11.29
C THR A 428 -5.32 -12.04 10.37
N PHE A 429 -5.76 -12.58 9.22
CA PHE A 429 -4.90 -13.45 8.43
C PHE A 429 -4.51 -12.91 7.06
N ALA A 430 -5.30 -12.04 6.43
CA ALA A 430 -4.97 -11.55 5.10
C ALA A 430 -3.64 -10.81 5.10
N ALA A 431 -3.44 -9.90 6.07
CA ALA A 431 -2.16 -9.22 6.24
C ALA A 431 -1.77 -9.34 7.72
N GLY A 432 -1.24 -10.48 8.09
CA GLY A 432 -0.62 -10.67 9.38
C GLY A 432 0.81 -11.14 9.23
N THR A 433 1.00 -12.41 9.56
CA THR A 433 2.26 -13.08 9.25
C THR A 433 2.57 -12.99 7.77
N SER A 434 1.54 -13.01 6.92
CA SER A 434 1.77 -12.93 5.48
C SER A 434 2.37 -11.59 5.09
N ILE A 435 1.84 -10.49 5.63
CA ILE A 435 2.36 -9.17 5.29
C ILE A 435 3.75 -8.98 5.90
N LEU A 436 3.96 -9.49 7.11
CA LEU A 436 5.29 -9.41 7.71
C LEU A 436 6.31 -10.17 6.89
N PHE A 437 5.95 -11.38 6.45
CA PHE A 437 6.83 -12.19 5.61
C PHE A 437 7.08 -11.52 4.27
N ALA A 438 6.06 -10.91 3.68
CA ALA A 438 6.24 -10.23 2.41
C ALA A 438 7.20 -9.06 2.52
N VAL A 439 7.06 -8.24 3.58
CA VAL A 439 7.98 -7.12 3.73
C VAL A 439 9.38 -7.64 4.08
N LEU A 440 9.48 -8.75 4.82
CA LEU A 440 10.78 -9.34 5.09
C LEU A 440 11.46 -9.79 3.80
N MET A 441 10.71 -10.44 2.92
CA MET A 441 11.26 -10.87 1.63
C MET A 441 11.61 -9.69 0.74
N GLU A 442 10.80 -8.63 0.74
CA GLU A 442 11.18 -7.41 0.04
C GLU A 442 12.51 -6.88 0.56
N ALA A 443 12.63 -6.76 1.89
CA ALA A 443 13.85 -6.22 2.47
C ALA A 443 15.05 -7.07 2.10
N ILE A 444 14.93 -8.39 2.20
CA ILE A 444 16.03 -9.28 1.85
C ILE A 444 16.38 -9.15 0.38
N GLY A 445 15.38 -9.26 -0.50
CA GLY A 445 15.66 -9.22 -1.93
C GLY A 445 16.30 -7.91 -2.36
N VAL A 446 15.93 -6.80 -1.73
CA VAL A 446 16.49 -5.52 -2.11
C VAL A 446 17.87 -5.32 -1.51
N SER A 447 18.06 -5.67 -0.23
CA SER A 447 19.24 -5.26 0.49
C SER A 447 20.33 -6.33 0.58
N TRP A 448 20.04 -7.57 0.19
CA TRP A 448 21.03 -8.63 0.22
C TRP A 448 21.35 -9.15 -1.16
N PHE A 449 20.33 -9.39 -1.98
CA PHE A 449 20.50 -9.97 -3.30
C PHE A 449 20.72 -8.91 -4.37
N TYR A 450 19.83 -7.93 -4.45
CA TYR A 450 20.09 -6.78 -5.32
C TYR A 450 21.30 -6.01 -4.82
N GLY A 451 21.38 -5.78 -3.53
CA GLY A 451 22.48 -5.03 -2.94
C GLY A 451 22.02 -3.73 -2.32
N VAL A 452 22.25 -3.57 -1.02
CA VAL A 452 21.90 -2.31 -0.37
C VAL A 452 22.77 -1.17 -0.88
N ASP A 453 24.01 -1.46 -1.26
CA ASP A 453 24.86 -0.44 -1.89
C ASP A 453 24.30 -0.01 -3.23
N ARG A 454 23.84 -0.97 -4.04
CA ARG A 454 23.23 -0.63 -5.32
C ARG A 454 21.96 0.17 -5.13
N PHE A 455 21.15 -0.20 -4.14
CA PHE A 455 19.92 0.53 -3.84
C PHE A 455 20.24 1.95 -3.39
N SER A 456 21.31 2.12 -2.60
CA SER A 456 21.73 3.45 -2.18
C SER A 456 22.21 4.28 -3.37
N ASN A 457 22.90 3.64 -4.32
CA ASN A 457 23.28 4.32 -5.56
C ASN A 457 22.05 4.76 -6.35
N ASP A 458 21.02 3.91 -6.40
CA ASP A 458 19.77 4.26 -7.07
C ASP A 458 19.13 5.47 -6.41
N ILE A 459 19.09 5.47 -5.07
CA ILE A 459 18.51 6.58 -4.34
C ILE A 459 19.32 7.84 -4.54
N GLN A 460 20.64 7.74 -4.64
CA GLN A 460 21.46 8.90 -4.94
C GLN A 460 21.15 9.43 -6.33
N GLN A 461 20.94 8.53 -7.29
CA GLN A 461 20.57 8.94 -8.63
C GLN A 461 19.26 9.72 -8.63
N MET A 462 18.27 9.24 -7.87
CA MET A 462 17.00 9.96 -7.77
C MET A 462 17.10 11.27 -7.01
N MET A 463 17.75 11.28 -5.83
CA MET A 463 17.68 12.40 -4.91
C MET A 463 18.96 13.20 -4.78
N GLY A 464 20.09 12.66 -5.23
CA GLY A 464 21.34 13.38 -5.20
C GLY A 464 22.17 13.14 -3.95
N PHE A 465 21.56 12.65 -2.88
CA PHE A 465 22.27 12.23 -1.69
C PHE A 465 22.14 10.73 -1.54
N ARG A 466 23.17 10.12 -1.02
CA ARG A 466 23.16 8.68 -0.80
C ARG A 466 22.57 8.38 0.58
N PRO A 467 21.68 7.39 0.72
CA PRO A 467 21.12 7.09 2.04
C PRO A 467 22.17 6.92 3.12
N GLY A 468 21.87 7.36 4.33
CA GLY A 468 22.83 7.30 5.42
C GLY A 468 22.96 5.91 5.99
N LEU A 469 23.90 5.78 6.93
CA LEU A 469 24.21 4.48 7.50
C LEU A 469 23.01 3.91 8.26
N TYR A 470 22.24 4.76 8.92
CA TYR A 470 21.07 4.28 9.65
C TYR A 470 20.14 3.53 8.71
N TRP A 471 19.85 4.12 7.55
CA TRP A 471 18.91 3.53 6.61
C TRP A 471 19.44 2.23 6.04
N ARG A 472 20.72 2.20 5.66
CA ARG A 472 21.28 0.98 5.08
C ARG A 472 21.36 -0.14 6.11
N LEU A 473 21.77 0.19 7.33
CA LEU A 473 21.80 -0.80 8.39
C LEU A 473 20.40 -1.34 8.68
N CYS A 474 19.40 -0.46 8.73
CA CYS A 474 18.05 -0.93 8.95
C CYS A 474 17.56 -1.79 7.79
N TRP A 475 17.89 -1.40 6.56
CA TRP A 475 17.44 -2.16 5.40
C TRP A 475 18.04 -3.55 5.37
N LYS A 476 19.31 -3.68 5.76
CA LYS A 476 20.00 -4.95 5.59
C LYS A 476 19.96 -5.84 6.82
N PHE A 477 19.99 -5.29 8.03
CA PHE A 477 20.12 -6.10 9.23
C PHE A 477 18.96 -5.93 10.20
N VAL A 478 18.63 -4.68 10.54
CA VAL A 478 17.73 -4.43 11.65
C VAL A 478 16.29 -4.71 11.26
N SER A 479 15.81 -4.10 10.19
CA SER A 479 14.45 -4.39 9.74
C SER A 479 14.29 -5.85 9.36
N PRO A 480 15.19 -6.48 8.60
CA PRO A 480 15.07 -7.92 8.37
C PRO A 480 15.07 -8.75 9.65
N ALA A 481 15.92 -8.41 10.62
CA ALA A 481 16.02 -9.23 11.83
C ALA A 481 14.75 -9.11 12.67
N PHE A 482 14.26 -7.89 12.87
CA PHE A 482 13.04 -7.71 13.65
C PHE A 482 11.84 -8.28 12.93
N LEU A 483 11.80 -8.17 11.60
CA LEU A 483 10.73 -8.78 10.83
C LEU A 483 10.75 -10.29 10.95
N LEU A 484 11.94 -10.89 10.90
CA LEU A 484 12.05 -12.33 11.09
C LEU A 484 11.60 -12.72 12.49
N PHE A 485 11.95 -11.93 13.50
CA PHE A 485 11.50 -12.22 14.85
C PHE A 485 9.98 -12.21 14.95
N VAL A 486 9.34 -11.17 14.39
CA VAL A 486 7.88 -11.09 14.48
C VAL A 486 7.24 -12.21 13.67
N VAL A 487 7.81 -12.55 12.51
CA VAL A 487 7.25 -13.62 11.69
C VAL A 487 7.32 -14.94 12.44
N VAL A 488 8.45 -15.24 13.06
CA VAL A 488 8.60 -16.49 13.78
C VAL A 488 7.63 -16.55 14.97
N VAL A 489 7.55 -15.47 15.74
CA VAL A 489 6.68 -15.49 16.92
C VAL A 489 5.21 -15.52 16.50
N SER A 490 4.86 -14.94 15.36
CA SER A 490 3.49 -14.98 14.90
C SER A 490 3.04 -16.40 14.63
N ILE A 491 3.98 -17.28 14.31
CA ILE A 491 3.68 -18.67 14.02
C ILE A 491 3.77 -19.53 15.27
N ILE A 492 4.84 -19.37 16.06
CA ILE A 492 5.01 -20.24 17.21
C ILE A 492 4.17 -19.76 18.40
N ASN A 493 3.82 -18.47 18.43
CA ASN A 493 2.96 -17.91 19.47
C ASN A 493 1.63 -17.48 18.89
N PHE A 494 1.10 -18.27 17.96
CA PHE A 494 -0.22 -18.01 17.40
C PHE A 494 -1.30 -18.26 18.45
N LYS A 495 -2.29 -17.38 18.49
CA LYS A 495 -3.41 -17.51 19.41
C LYS A 495 -4.68 -17.77 18.63
N PRO A 496 -5.47 -18.79 18.98
CA PRO A 496 -6.68 -19.08 18.22
C PRO A 496 -7.59 -17.86 18.12
N LEU A 497 -8.19 -17.69 16.95
CA LEU A 497 -8.97 -16.50 16.67
C LEU A 497 -10.26 -16.49 17.48
N THR A 498 -10.60 -15.32 18.02
CA THR A 498 -11.83 -15.11 18.76
C THR A 498 -12.40 -13.76 18.37
N TYR A 499 -13.72 -13.62 18.50
CA TYR A 499 -14.39 -12.33 18.36
C TYR A 499 -15.17 -12.09 19.65
N ASP A 500 -14.63 -11.23 20.52
CA ASP A 500 -15.24 -10.93 21.81
C ASP A 500 -15.32 -12.23 22.60
N ASP A 501 -16.50 -12.70 22.98
CA ASP A 501 -16.64 -13.95 23.72
C ASP A 501 -16.86 -15.14 22.82
N TYR A 502 -16.79 -14.95 21.51
CA TYR A 502 -16.99 -16.02 20.53
C TYR A 502 -15.64 -16.60 20.15
N ILE A 503 -15.51 -17.91 20.29
CA ILE A 503 -14.29 -18.63 19.91
C ILE A 503 -14.56 -19.28 18.56
N PHE A 504 -13.77 -18.93 17.56
CA PHE A 504 -13.95 -19.51 16.24
C PHE A 504 -13.65 -21.02 16.31
N PRO A 505 -14.29 -21.83 15.47
CA PRO A 505 -13.95 -23.24 15.44
C PRO A 505 -12.55 -23.45 14.92
N PRO A 506 -11.92 -24.59 15.24
CA PRO A 506 -10.56 -24.83 14.75
C PRO A 506 -10.41 -24.74 13.24
N TRP A 507 -11.40 -25.21 12.48
CA TRP A 507 -11.31 -25.11 11.03
C TRP A 507 -11.25 -23.67 10.56
N ALA A 508 -11.82 -22.73 11.32
CA ALA A 508 -11.65 -21.33 10.98
C ALA A 508 -10.20 -20.89 11.11
N ASN A 509 -9.49 -21.37 12.13
CA ASN A 509 -8.07 -21.10 12.25
C ASN A 509 -7.29 -21.73 11.09
N TRP A 510 -7.64 -22.95 10.70
CA TRP A 510 -6.96 -23.58 9.57
C TRP A 510 -7.23 -22.80 8.27
N VAL A 511 -8.46 -22.31 8.10
CA VAL A 511 -8.79 -21.52 6.93
C VAL A 511 -8.02 -20.21 6.92
N GLY A 512 -7.90 -19.57 8.09
CA GLY A 512 -7.13 -18.34 8.16
C GLY A 512 -5.67 -18.54 7.84
N TRP A 513 -5.10 -19.63 8.36
CA TRP A 513 -3.72 -19.94 8.04
C TRP A 513 -3.57 -20.30 6.57
N GLY A 514 -4.58 -20.91 5.97
CA GLY A 514 -4.55 -21.11 4.53
C GLY A 514 -4.55 -19.80 3.76
N ILE A 515 -5.34 -18.83 4.22
CA ILE A 515 -5.36 -17.51 3.58
C ILE A 515 -3.99 -16.84 3.68
N ALA A 516 -3.36 -16.92 4.85
CA ALA A 516 -2.02 -16.35 5.01
C ALA A 516 -1.00 -17.06 4.11
N LEU A 517 -1.02 -18.39 4.12
CA LEU A 517 -0.08 -19.16 3.32
C LEU A 517 -0.32 -18.97 1.84
N SER A 518 -1.54 -18.65 1.43
CA SER A 518 -1.82 -18.49 0.01
C SER A 518 -0.91 -17.45 -0.61
N SER A 519 -0.66 -16.36 0.10
CA SER A 519 0.30 -15.37 -0.38
C SER A 519 1.72 -15.74 0.03
N MET A 520 1.91 -16.33 1.21
CA MET A 520 3.27 -16.61 1.65
C MET A 520 3.98 -17.58 0.70
N VAL A 521 3.26 -18.56 0.17
CA VAL A 521 3.88 -19.60 -0.64
C VAL A 521 4.18 -19.12 -2.06
N LEU A 522 3.63 -17.99 -2.48
CA LEU A 522 3.91 -17.49 -3.82
C LEU A 522 5.39 -17.19 -3.99
N VAL A 523 6.07 -16.84 -2.91
CA VAL A 523 7.50 -16.53 -2.94
C VAL A 523 8.27 -17.79 -3.32
N PRO A 524 8.26 -18.86 -2.49
CA PRO A 524 8.98 -20.07 -2.89
C PRO A 524 8.47 -20.67 -4.19
N ILE A 525 7.16 -20.60 -4.45
CA ILE A 525 6.63 -21.15 -5.69
C ILE A 525 7.23 -20.44 -6.88
N TYR A 526 7.32 -19.11 -6.82
CA TYR A 526 7.91 -18.38 -7.94
C TYR A 526 9.41 -18.66 -8.04
N VAL A 527 10.10 -18.84 -6.92
CA VAL A 527 11.52 -19.17 -7.00
C VAL A 527 11.71 -20.50 -7.73
N ILE A 528 10.90 -21.51 -7.38
CA ILE A 528 11.02 -22.80 -8.04
C ILE A 528 10.67 -22.69 -9.51
N TYR A 529 9.60 -21.96 -9.82
CA TYR A 529 9.17 -21.80 -11.20
C TYR A 529 10.26 -21.11 -12.02
N LYS A 530 10.83 -20.03 -11.48
CA LYS A 530 11.88 -19.29 -12.18
C LYS A 530 13.11 -20.15 -12.39
N PHE A 531 13.48 -20.95 -11.38
CA PHE A 531 14.63 -21.84 -11.53
C PHE A 531 14.39 -22.85 -12.64
N LEU A 532 13.21 -23.48 -12.64
CA LEU A 532 12.95 -24.56 -13.59
C LEU A 532 12.75 -24.02 -15.00
N SER A 533 12.15 -22.84 -15.14
CA SER A 533 11.89 -22.29 -16.46
C SER A 533 13.15 -21.74 -17.09
N THR A 534 14.09 -21.27 -16.28
CA THR A 534 15.35 -20.76 -16.81
C THR A 534 16.17 -21.89 -17.42
N GLN A 535 16.92 -21.56 -18.47
CA GLN A 535 17.78 -22.51 -19.15
C GLN A 535 19.23 -22.29 -18.76
N GLY A 536 19.99 -23.39 -18.71
CA GLY A 536 21.39 -23.38 -18.39
C GLY A 536 21.71 -24.38 -17.31
N SER A 537 22.92 -24.26 -16.76
CA SER A 537 23.33 -25.10 -15.64
C SER A 537 22.70 -24.56 -14.37
N LEU A 538 23.03 -25.15 -13.22
CA LEU A 538 22.49 -24.65 -11.96
C LEU A 538 22.97 -23.23 -11.69
N TRP A 539 24.26 -22.97 -11.89
CA TRP A 539 24.79 -21.64 -11.62
C TRP A 539 24.29 -20.62 -12.62
N GLU A 540 24.10 -21.01 -13.87
CA GLU A 540 23.52 -20.08 -14.84
C GLU A 540 22.10 -19.69 -14.45
N ARG A 541 21.30 -20.67 -14.01
CA ARG A 541 19.94 -20.36 -13.57
C ARG A 541 19.94 -19.47 -12.34
N LEU A 542 20.83 -19.75 -11.37
CA LEU A 542 20.92 -18.89 -10.20
C LEU A 542 21.32 -17.47 -10.56
N ALA A 543 22.32 -17.34 -11.43
CA ALA A 543 22.78 -16.02 -11.85
C ALA A 543 21.69 -15.25 -12.58
N TYR A 544 20.93 -15.93 -13.45
CA TYR A 544 19.84 -15.26 -14.13
C TYR A 544 18.74 -14.87 -13.16
N GLY A 545 18.50 -15.66 -12.12
CA GLY A 545 17.48 -15.33 -11.15
C GLY A 545 17.85 -14.26 -10.16
N ILE A 546 19.13 -14.03 -9.91
CA ILE A 546 19.56 -13.00 -8.98
C ILE A 546 20.08 -11.75 -9.68
N THR A 547 20.49 -11.85 -10.94
CA THR A 547 20.91 -10.69 -11.71
C THR A 547 19.68 -9.93 -12.21
N PRO A 548 19.75 -8.59 -12.33
CA PRO A 548 18.63 -7.87 -12.91
C PRO A 548 18.43 -8.25 -14.37
N GLU A 549 17.17 -8.17 -14.82
CA GLU A 549 16.83 -8.63 -16.15
C GLU A 549 17.54 -7.84 -17.25
N ASN A 550 17.92 -6.59 -16.98
CA ASN A 550 18.60 -5.77 -17.96
C ASN A 550 20.12 -5.93 -17.91
N GLU A 551 20.63 -6.74 -16.99
CA GLU A 551 22.05 -7.06 -16.92
C GLU A 551 22.32 -8.53 -17.21
N HIS A 552 21.35 -9.24 -17.77
CA HIS A 552 21.51 -10.67 -17.98
C HIS A 552 22.60 -11.00 -18.99
N HIS A 553 23.09 -10.01 -19.74
CA HIS A 553 24.24 -10.24 -20.60
C HIS A 553 25.49 -10.54 -19.76
N LEU A 554 25.53 -10.08 -18.52
CA LEU A 554 26.68 -10.34 -17.66
C LEU A 554 26.77 -11.81 -17.27
N VAL A 555 25.64 -12.52 -17.25
CA VAL A 555 25.65 -13.91 -16.83
C VAL A 555 26.51 -14.73 -17.80
N ALA A 556 26.37 -14.48 -19.10
CA ALA A 556 27.22 -15.15 -20.08
C ALA A 556 28.68 -14.78 -19.90
N GLN A 557 28.96 -13.57 -19.41
CA GLN A 557 30.33 -13.10 -19.21
C GLN A 557 30.91 -13.54 -17.89
N ARG A 558 30.14 -14.22 -17.03
CA ARG A 558 30.60 -14.64 -15.71
C ARG A 558 31.02 -13.44 -14.88
N ASP A 559 30.10 -12.49 -14.73
CA ASP A 559 30.37 -11.23 -14.04
C ASP A 559 29.23 -10.92 -13.07
N ILE A 560 28.87 -11.92 -12.26
CA ILE A 560 27.79 -11.81 -11.30
C ILE A 560 28.37 -11.31 -9.98
N ARG A 561 27.87 -10.16 -9.51
CA ARG A 561 28.37 -9.60 -8.26
C ARG A 561 27.98 -10.47 -7.06
N GLN A 562 26.79 -11.06 -7.10
CA GLN A 562 26.31 -11.88 -6.00
C GLN A 562 27.15 -13.12 -5.77
N PHE A 563 27.99 -13.50 -6.72
CA PHE A 563 28.88 -14.65 -6.58
C PHE A 563 30.22 -14.26 -5.97
N GLN A 564 30.35 -13.01 -5.52
CA GLN A 564 31.54 -12.53 -4.85
C GLN A 564 31.18 -12.12 -3.42
N LEU A 565 32.15 -12.27 -2.52
CA LEU A 565 31.89 -11.97 -1.11
C LEU A 565 31.71 -10.47 -0.87
N GLN A 566 32.39 -9.63 -1.64
CA GLN A 566 32.28 -8.19 -1.44
C GLN A 566 30.83 -7.72 -1.59
N HIS A 567 30.05 -8.41 -2.42
CA HIS A 567 28.64 -8.05 -2.56
C HIS A 567 27.90 -8.20 -1.25
N TRP A 568 28.11 -9.33 -0.56
CA TRP A 568 27.37 -9.63 0.65
C TRP A 568 27.92 -8.92 1.87
N LEU A 569 29.19 -8.53 1.85
CA LEU A 569 29.73 -7.69 2.93
C LEU A 569 29.33 -6.23 2.78
N ALA A 570 28.72 -5.85 1.67
CA ALA A 570 28.40 -4.46 1.43
C ALA A 570 27.39 -3.95 2.45
N ILE A 571 27.60 -2.72 2.90
CA ILE A 571 26.68 -2.05 3.81
C ILE A 571 26.45 -0.62 3.32
N GLU B 1 16.06 18.58 -14.52
CA GLU B 1 17.11 17.56 -14.31
C GLU B 1 17.25 16.62 -15.51
N VAL B 2 16.12 16.20 -16.07
CA VAL B 2 16.13 15.33 -17.24
C VAL B 2 16.73 16.10 -18.40
N GLN B 3 17.86 15.62 -18.91
CA GLN B 3 18.56 16.26 -20.01
C GLN B 3 18.95 15.20 -21.02
N LEU B 4 18.63 15.43 -22.28
CA LEU B 4 19.02 14.55 -23.39
C LEU B 4 19.89 15.36 -24.34
N VAL B 5 21.09 14.86 -24.62
CA VAL B 5 22.02 15.50 -25.53
C VAL B 5 22.34 14.50 -26.64
N GLU B 6 21.83 14.78 -27.83
CA GLU B 6 22.13 13.94 -28.98
C GLU B 6 23.46 14.34 -29.59
N SER B 7 24.13 13.35 -30.18
CA SER B 7 25.39 13.58 -30.87
C SER B 7 25.59 12.49 -31.90
N GLY B 8 26.52 12.72 -32.82
CA GLY B 8 26.86 11.76 -33.85
C GLY B 8 26.33 12.10 -35.23
N GLY B 9 25.72 13.27 -35.41
CA GLY B 9 25.23 13.67 -36.72
C GLY B 9 26.32 14.23 -37.59
N GLY B 10 25.97 14.48 -38.84
CA GLY B 10 26.89 15.09 -39.78
C GLY B 10 26.65 14.57 -41.18
N LEU B 11 27.46 15.07 -42.11
CA LEU B 11 27.38 14.66 -43.49
C LEU B 11 27.80 13.20 -43.65
N VAL B 12 27.11 12.49 -44.53
CA VAL B 12 27.42 11.10 -44.82
C VAL B 12 26.98 10.81 -46.25
N GLN B 13 27.76 10.01 -46.96
CA GLN B 13 27.41 9.64 -48.32
C GLN B 13 26.24 8.65 -48.31
N ALA B 14 25.49 8.66 -49.41
CA ALA B 14 24.36 7.73 -49.53
C ALA B 14 24.84 6.30 -49.38
N GLY B 15 24.09 5.51 -48.61
CA GLY B 15 24.48 4.15 -48.33
C GLY B 15 25.49 4.01 -47.22
N GLY B 16 25.85 5.10 -46.55
CA GLY B 16 26.77 5.05 -45.44
C GLY B 16 26.09 4.66 -44.14
N SER B 17 26.85 4.76 -43.05
CA SER B 17 26.37 4.39 -41.74
C SER B 17 26.71 5.48 -40.74
N LEU B 18 25.76 5.79 -39.86
CA LEU B 18 25.98 6.75 -38.79
C LEU B 18 25.41 6.17 -37.49
N ARG B 19 26.10 6.43 -36.39
CA ARG B 19 25.63 6.04 -35.07
C ARG B 19 25.37 7.31 -34.28
N LEU B 20 24.10 7.55 -33.96
CA LEU B 20 23.74 8.64 -33.08
C LEU B 20 23.84 8.19 -31.63
N SER B 21 24.12 9.14 -30.76
CA SER B 21 24.20 8.88 -29.32
C SER B 21 23.29 9.87 -28.62
N CYS B 22 22.66 9.41 -27.54
CA CYS B 22 21.77 10.23 -26.73
C CYS B 22 22.25 10.11 -25.29
N ALA B 23 23.14 11.01 -24.87
CA ALA B 23 23.66 11.03 -23.51
C ALA B 23 22.57 11.51 -22.57
N ALA B 24 21.85 10.59 -21.95
CA ALA B 24 20.76 10.92 -21.05
C ALA B 24 21.29 11.27 -19.67
N SER B 25 20.59 12.19 -19.01
CA SER B 25 20.94 12.60 -17.67
C SER B 25 19.66 12.85 -16.89
N GLY B 26 19.75 12.69 -15.57
CA GLY B 26 18.61 12.92 -14.70
C GLY B 26 17.63 11.77 -14.59
N PHE B 27 17.96 10.60 -15.11
CA PHE B 27 17.11 9.42 -15.04
C PHE B 27 17.88 8.23 -15.59
N PRO B 28 17.50 7.00 -15.23
CA PRO B 28 18.12 5.81 -15.82
C PRO B 28 17.45 5.38 -17.11
N VAL B 29 18.19 5.31 -18.22
CA VAL B 29 17.59 4.92 -19.48
C VAL B 29 17.09 3.47 -19.42
N THR B 30 17.54 2.70 -18.44
CA THR B 30 17.13 1.30 -18.36
C THR B 30 15.68 1.17 -17.91
N ASN B 31 15.19 2.06 -17.07
CA ASN B 31 13.83 2.00 -16.55
C ASN B 31 12.85 2.85 -17.33
N PHE B 32 13.32 3.61 -18.31
CA PHE B 32 12.47 4.52 -19.07
C PHE B 32 12.44 4.10 -20.52
N GLU B 33 11.41 4.57 -21.22
CA GLU B 33 11.29 4.34 -22.66
C GLU B 33 12.00 5.46 -23.40
N MET B 34 12.87 5.08 -24.34
CA MET B 34 13.67 6.02 -25.09
C MET B 34 13.28 5.93 -26.55
N TYR B 35 12.96 7.08 -27.15
CA TYR B 35 12.47 7.14 -28.51
C TYR B 35 13.42 7.97 -29.37
N TRP B 36 13.42 7.69 -30.66
CA TRP B 36 14.14 8.47 -31.64
C TRP B 36 13.12 9.01 -32.63
N TYR B 37 13.08 10.33 -32.78
CA TYR B 37 12.25 10.98 -33.79
C TYR B 37 13.16 11.71 -34.75
N ARG B 38 12.65 11.95 -35.96
CA ARG B 38 13.37 12.75 -36.93
C ARG B 38 12.39 13.69 -37.61
N GLN B 39 12.79 14.95 -37.71
CA GLN B 39 11.99 15.98 -38.38
C GLN B 39 12.74 16.34 -39.66
N ALA B 40 12.26 15.82 -40.78
CA ALA B 40 12.87 16.17 -42.06
C ALA B 40 12.55 17.63 -42.39
N PRO B 41 13.39 18.28 -43.20
CA PRO B 41 13.11 19.69 -43.55
C PRO B 41 11.78 19.84 -44.27
N GLY B 42 10.85 20.58 -43.67
CA GLY B 42 9.55 20.81 -44.26
C GLY B 42 8.52 19.73 -44.01
N LYS B 43 8.81 18.77 -43.13
CA LYS B 43 7.88 17.71 -42.78
C LYS B 43 7.59 17.77 -41.29
N GLU B 44 6.72 16.88 -40.82
CA GLU B 44 6.41 16.78 -39.41
C GLU B 44 7.37 15.79 -38.73
N ARG B 45 7.36 15.81 -37.40
CA ARG B 45 8.21 14.92 -36.63
C ARG B 45 7.79 13.48 -36.88
N GLU B 46 8.71 12.68 -37.41
CA GLU B 46 8.45 11.27 -37.68
C GLU B 46 9.14 10.43 -36.60
N TRP B 47 8.37 9.54 -35.99
CA TRP B 47 8.94 8.58 -35.06
C TRP B 47 9.78 7.56 -35.81
N VAL B 48 10.95 7.25 -35.26
CA VAL B 48 11.94 6.41 -35.93
C VAL B 48 12.13 5.08 -35.20
N ALA B 49 12.52 5.13 -33.94
CA ALA B 49 12.78 3.92 -33.17
C ALA B 49 12.42 4.16 -31.72
N ALA B 50 12.16 3.07 -31.01
CA ALA B 50 11.83 3.11 -29.60
C ALA B 50 12.41 1.88 -28.93
N ILE B 51 13.15 2.08 -27.84
CA ILE B 51 13.58 1.01 -26.97
C ILE B 51 12.89 1.19 -25.63
N TYR B 52 12.20 0.15 -25.17
CA TYR B 52 11.42 0.23 -23.96
C TYR B 52 12.24 -0.23 -22.76
N SER B 53 11.68 -0.03 -21.57
CA SER B 53 12.40 -0.39 -20.35
C SER B 53 12.80 -1.86 -20.38
N THR B 54 11.98 -2.72 -21.00
CA THR B 54 12.30 -4.13 -21.08
C THR B 54 13.43 -4.42 -22.06
N GLY B 55 13.84 -3.42 -22.84
CA GLY B 55 14.81 -3.63 -23.90
C GLY B 55 14.21 -3.99 -25.23
N ILE B 56 12.90 -4.09 -25.33
CA ILE B 56 12.24 -4.38 -26.60
C ILE B 56 12.31 -3.13 -27.47
N THR B 57 12.68 -3.33 -28.73
CA THR B 57 12.90 -2.24 -29.66
C THR B 57 11.84 -2.29 -30.77
N GLU B 58 11.25 -1.14 -31.07
CA GLU B 58 10.34 -0.97 -32.19
C GLU B 58 10.92 0.03 -33.17
N TYR B 59 10.60 -0.17 -34.45
CA TYR B 59 11.10 0.68 -35.52
C TYR B 59 9.96 1.06 -36.44
N ALA B 60 10.09 2.23 -37.06
CA ALA B 60 9.17 2.63 -38.10
C ALA B 60 9.47 1.86 -39.38
N ASP B 61 8.42 1.64 -40.18
CA ASP B 61 8.59 0.87 -41.41
C ASP B 61 9.61 1.50 -42.34
N SER B 62 9.77 2.83 -42.28
CA SER B 62 10.74 3.50 -43.13
C SER B 62 12.17 3.23 -42.72
N VAL B 63 12.40 2.65 -41.54
CA VAL B 63 13.74 2.37 -41.06
C VAL B 63 13.94 0.91 -40.68
N LYS B 64 12.91 0.08 -40.75
CA LYS B 64 13.03 -1.32 -40.38
C LYS B 64 14.13 -1.99 -41.20
N GLY B 65 15.00 -2.74 -40.52
CA GLY B 65 16.09 -3.42 -41.16
C GLY B 65 17.32 -2.56 -41.42
N ARG B 66 17.23 -1.25 -41.20
CA ARG B 66 18.34 -0.34 -41.40
C ARG B 66 18.80 0.31 -40.09
N PHE B 67 17.88 0.93 -39.36
CA PHE B 67 18.22 1.59 -38.11
C PHE B 67 18.09 0.61 -36.96
N THR B 68 19.03 0.67 -36.02
CA THR B 68 19.01 -0.17 -34.82
C THR B 68 19.14 0.73 -33.61
N ILE B 69 18.22 0.58 -32.67
CA ILE B 69 18.24 1.35 -31.43
C ILE B 69 18.76 0.44 -30.32
N SER B 70 19.79 0.92 -29.62
CA SER B 70 20.37 0.20 -28.50
C SER B 70 20.69 1.20 -27.40
N ARG B 71 20.89 0.69 -26.20
CA ARG B 71 21.19 1.53 -25.05
C ARG B 71 22.33 0.94 -24.25
N ASP B 72 23.07 1.80 -23.58
CA ASP B 72 24.13 1.41 -22.65
C ASP B 72 23.67 1.85 -21.27
N ASN B 73 23.15 0.90 -20.49
CA ASN B 73 22.64 1.24 -19.17
C ASN B 73 23.75 1.77 -18.27
N SER B 74 24.97 1.23 -18.39
CA SER B 74 26.08 1.74 -17.59
C SER B 74 26.40 3.18 -17.92
N LYS B 75 26.39 3.55 -19.20
CA LYS B 75 26.65 4.92 -19.62
C LYS B 75 25.39 5.77 -19.66
N ASN B 76 24.21 5.19 -19.49
CA ASN B 76 22.95 5.92 -19.60
C ASN B 76 22.86 6.60 -20.95
N THR B 77 23.24 5.88 -22.00
CA THR B 77 23.25 6.40 -23.36
C THR B 77 22.38 5.52 -24.22
N VAL B 78 21.64 6.14 -25.13
CA VAL B 78 20.88 5.43 -26.15
C VAL B 78 21.53 5.71 -27.48
N TYR B 79 21.66 4.67 -28.31
CA TYR B 79 22.28 4.76 -29.61
C TYR B 79 21.25 4.51 -30.69
N LEU B 80 21.51 5.09 -31.87
CA LEU B 80 20.74 4.81 -33.08
C LEU B 80 21.75 4.48 -34.16
N GLN B 81 22.00 3.20 -34.38
CA GLN B 81 22.89 2.76 -35.45
C GLN B 81 22.11 2.78 -36.75
N MET B 82 22.37 3.79 -37.58
CA MET B 82 21.69 3.96 -38.85
C MET B 82 22.59 3.45 -39.97
N ASN B 83 22.10 2.47 -40.71
CA ASN B 83 22.87 1.84 -41.78
C ASN B 83 22.13 2.02 -43.11
N SER B 84 22.89 1.94 -44.20
CA SER B 84 22.35 2.09 -45.54
C SER B 84 21.53 3.37 -45.64
N LEU B 85 22.16 4.49 -45.31
CA LEU B 85 21.45 5.75 -45.21
C LEU B 85 21.09 6.29 -46.58
N LYS B 86 19.80 6.40 -46.84
CA LYS B 86 19.28 6.93 -48.07
C LYS B 86 19.24 8.46 -48.01
N PRO B 87 19.31 9.13 -49.16
CA PRO B 87 19.14 10.59 -49.16
C PRO B 87 17.91 11.05 -48.40
N GLU B 88 16.86 10.25 -48.33
CA GLU B 88 15.65 10.65 -47.64
C GLU B 88 15.81 10.70 -46.14
N ASP B 89 16.87 10.09 -45.60
CA ASP B 89 17.05 10.05 -44.15
C ASP B 89 17.52 11.37 -43.57
N THR B 90 17.88 12.34 -44.39
CA THR B 90 18.32 13.63 -43.87
C THR B 90 17.22 14.23 -43.01
N ALA B 91 17.58 14.63 -41.80
CA ALA B 91 16.62 15.22 -40.87
C ALA B 91 17.36 15.61 -39.61
N VAL B 92 16.64 16.27 -38.72
CA VAL B 92 17.10 16.51 -37.35
C VAL B 92 16.54 15.37 -36.51
N TYR B 93 17.42 14.49 -36.04
CA TYR B 93 17.01 13.34 -35.26
C TYR B 93 16.93 13.72 -33.79
N TYR B 94 15.74 13.60 -33.21
CA TYR B 94 15.52 13.95 -31.82
C TYR B 94 15.43 12.69 -30.97
N CYS B 95 15.98 12.79 -29.76
CA CYS B 95 15.92 11.72 -28.78
C CYS B 95 14.90 12.11 -27.74
N ASN B 96 13.94 11.23 -27.49
CA ASN B 96 12.84 11.49 -26.58
C ASN B 96 12.81 10.42 -25.50
N VAL B 97 12.50 10.82 -24.27
CA VAL B 97 12.35 9.91 -23.15
C VAL B 97 10.90 9.97 -22.70
N LYS B 98 10.31 8.79 -22.50
CA LYS B 98 9.00 8.66 -21.91
C LYS B 98 9.09 7.71 -20.73
N ASP B 99 8.15 7.86 -19.80
CA ASP B 99 8.12 7.00 -18.65
C ASP B 99 7.64 5.60 -19.04
N ASN B 100 7.89 4.65 -18.15
CA ASN B 100 7.60 3.24 -18.41
C ASN B 100 6.10 3.03 -18.48
N GLY B 101 5.59 2.71 -19.67
CA GLY B 101 4.21 2.32 -19.85
C GLY B 101 3.32 3.48 -20.23
N ALA B 102 2.09 3.12 -20.62
CA ALA B 102 1.12 4.09 -21.08
C ALA B 102 0.42 4.84 -19.95
N TRP B 103 0.38 4.27 -18.75
CA TRP B 103 -0.27 4.93 -17.64
C TRP B 103 0.65 5.94 -16.95
N ARG B 104 1.95 5.88 -17.24
CA ARG B 104 2.91 6.87 -16.75
C ARG B 104 3.19 7.83 -17.91
N GLN B 105 2.65 9.04 -17.81
CA GLN B 105 2.61 9.96 -18.94
C GLN B 105 3.11 11.36 -18.55
N ASN B 106 3.97 11.43 -17.54
CA ASN B 106 4.51 12.71 -17.09
C ASN B 106 5.93 12.97 -17.55
N TYR B 107 6.48 12.13 -18.43
CA TYR B 107 7.81 12.33 -18.99
C TYR B 107 7.68 12.39 -20.50
N ASP B 108 8.00 13.55 -21.08
CA ASP B 108 8.06 13.66 -22.52
C ASP B 108 9.19 14.58 -22.97
N TYR B 109 10.36 14.42 -22.37
CA TYR B 109 11.48 15.32 -22.63
C TYR B 109 12.16 14.99 -23.95
N TRP B 110 12.59 16.04 -24.65
CA TRP B 110 13.28 15.95 -25.92
C TRP B 110 14.68 16.53 -25.80
N GLY B 111 15.54 16.14 -26.75
CA GLY B 111 16.85 16.74 -26.88
C GLY B 111 16.83 17.91 -27.85
N GLN B 112 17.98 18.58 -27.95
CA GLN B 112 18.09 19.67 -28.90
C GLN B 112 18.05 19.15 -30.34
N GLY B 113 18.41 17.90 -30.54
CA GLY B 113 18.39 17.29 -31.85
C GLY B 113 19.77 17.30 -32.49
N THR B 114 20.06 16.25 -33.25
CA THR B 114 21.30 16.13 -33.99
C THR B 114 21.00 16.09 -35.47
N GLN B 115 21.70 16.91 -36.24
CA GLN B 115 21.45 17.04 -37.68
C GLN B 115 22.18 15.93 -38.42
N VAL B 116 21.43 15.19 -39.23
CA VAL B 116 21.98 14.16 -40.10
C VAL B 116 21.67 14.56 -41.53
N THR B 117 22.69 14.61 -42.38
CA THR B 117 22.53 14.96 -43.79
C THR B 117 23.17 13.87 -44.63
N VAL B 118 22.41 13.30 -45.55
CA VAL B 118 22.87 12.25 -46.43
C VAL B 118 22.99 12.85 -47.84
N SER B 119 24.20 12.83 -48.39
CA SER B 119 24.44 13.39 -49.71
C SER B 119 24.34 12.31 -50.78
#